data_8JV5
#
_entry.id   8JV5
#
_cell.length_a   1.00
_cell.length_b   1.00
_cell.length_c   1.00
_cell.angle_alpha   90.00
_cell.angle_beta   90.00
_cell.angle_gamma   90.00
#
_symmetry.space_group_name_H-M   'P 1'
#
loop_
_entity.id
_entity.type
_entity.pdbx_description
1 polymer 'P2X purinoceptor'
2 non-polymer 1-[2,6-bis(bromanyl)-4-propan-2-yl-phenyl]-3-pyridin-3-yl-urea
3 non-polymer 2-acetamido-2-deoxy-beta-D-glucopyranose
#
_entity_poly.entity_id   1
_entity_poly.type   'polypeptide(L)'
_entity_poly.pdbx_seq_one_letter_code
;DSVSQCFFDYYTSKILIIRSKKVGTLNRFTQALVIAYVIGYVCVYNKGYQDTDTVLSSVTTKVKGIALTNTSELGERIWD
VADYIIPPQEDGSFFVLTNMIITTNQTQSKCAENPTPASTCTSHRDCKRGFNDARGDGVRTGRCVSYSASVKTCEVLSWC
PLEKIVDPPNPPLLADAENFTVLIKNNIRYPKFNFNKRNILPNINSSYLTHCVFSRKTDPDCPIFRLGDIVGEAEEDFQI
MAVRGGVMGVQIRWDCDLDMPQSWCVPRYTFRRLDNKDPDNNVAPGYNFRFAKYYKNSDGTETRTLIKGYGIRFDVMVFG
QAGKFNIIPTLLNIGAGLALLGLVNVICDWI
;
_entity_poly.pdbx_strand_id   A,B,C
#
loop_
_chem_comp.id
_chem_comp.type
_chem_comp.name
_chem_comp.formula
NAG D-saccharide, beta linking 2-acetamido-2-deoxy-beta-D-glucopyranose 'C8 H15 N O6'
P73 non-polymer 1-[2,6-bis(bromanyl)-4-propan-2-yl-phenyl]-3-pyridin-3-yl-urea 'C15 H15 Br2 N3 O'
#
# COMPACT_ATOMS: atom_id res chain seq x y z
N ILE A 35 -42.86 5.11 28.53
CA ILE A 35 -43.41 5.05 27.18
C ILE A 35 -42.78 6.13 26.30
N ALA A 36 -42.85 7.38 26.78
CA ALA A 36 -42.24 8.48 26.04
C ALA A 36 -40.72 8.35 25.99
N TYR A 37 -40.11 7.85 27.07
CA TYR A 37 -38.66 7.75 27.13
C TYR A 37 -38.11 6.80 26.08
N VAL A 38 -38.78 5.65 25.88
CA VAL A 38 -38.28 4.64 24.96
C VAL A 38 -38.17 5.19 23.54
N ILE A 39 -39.29 5.69 23.02
CA ILE A 39 -39.29 6.26 21.67
C ILE A 39 -38.42 7.51 21.62
N GLY A 40 -38.37 8.27 22.71
CA GLY A 40 -37.60 9.51 22.70
C GLY A 40 -36.11 9.29 22.56
N TYR A 41 -35.56 8.31 23.27
CA TYR A 41 -34.11 8.11 23.31
C TYR A 41 -33.67 6.83 22.63
N VAL A 42 -34.24 5.68 23.00
CA VAL A 42 -33.75 4.40 22.51
C VAL A 42 -34.06 4.21 21.03
N CYS A 43 -35.27 4.59 20.61
CA CYS A 43 -35.65 4.38 19.21
C CYS A 43 -35.01 5.38 18.28
N VAL A 44 -34.78 6.61 18.75
CA VAL A 44 -34.31 7.67 17.86
C VAL A 44 -32.81 7.87 17.98
N TYR A 45 -32.33 8.28 19.15
CA TYR A 45 -30.94 8.67 19.29
C TYR A 45 -29.99 7.48 19.29
N ASN A 46 -30.40 6.35 19.85
CA ASN A 46 -29.53 5.18 19.87
C ASN A 46 -29.41 4.53 18.48
N LYS A 47 -30.22 4.95 17.52
CA LYS A 47 -30.23 4.37 16.18
C LYS A 47 -30.46 2.85 16.24
N GLY A 48 -31.39 2.43 17.09
CA GLY A 48 -31.72 1.02 17.18
C GLY A 48 -32.53 0.52 16.02
N TYR A 49 -33.17 1.42 15.28
CA TYR A 49 -33.97 1.07 14.11
C TYR A 49 -33.15 1.07 12.83
N GLN A 50 -31.82 1.00 12.93
CA GLN A 50 -30.93 1.10 11.79
C GLN A 50 -30.18 -0.21 11.61
N ASP A 51 -30.18 -0.73 10.38
CA ASP A 51 -29.22 -1.75 9.97
C ASP A 51 -28.00 -1.04 9.41
N THR A 52 -26.82 -1.41 9.91
CA THR A 52 -25.60 -0.67 9.68
C THR A 52 -24.63 -1.44 8.80
N ASP A 53 -23.79 -0.69 8.08
CA ASP A 53 -22.78 -1.25 7.21
C ASP A 53 -21.54 -0.37 7.27
N THR A 54 -20.40 -0.97 6.91
CA THR A 54 -19.13 -0.26 6.88
C THR A 54 -18.85 0.24 5.46
N VAL A 55 -17.71 0.90 5.29
CA VAL A 55 -17.38 1.58 4.04
C VAL A 55 -16.24 0.85 3.33
N LEU A 56 -16.27 0.89 2.00
CA LEU A 56 -15.22 0.35 1.15
C LEU A 56 -14.74 1.46 0.24
N SER A 57 -13.51 1.92 0.43
CA SER A 57 -13.07 3.18 -0.16
C SER A 57 -11.80 2.99 -1.00
N SER A 58 -11.64 3.86 -1.98
CA SER A 58 -10.42 3.99 -2.77
C SER A 58 -10.03 5.46 -2.82
N VAL A 59 -8.73 5.73 -2.77
CA VAL A 59 -8.19 7.08 -2.69
C VAL A 59 -7.17 7.28 -3.81
N THR A 60 -7.22 8.46 -4.43
CA THR A 60 -6.26 8.86 -5.45
C THR A 60 -5.73 10.24 -5.11
N THR A 61 -4.39 10.39 -5.09
CA THR A 61 -3.74 11.64 -4.72
C THR A 61 -2.82 12.10 -5.84
N LYS A 62 -2.88 13.40 -6.14
CA LYS A 62 -1.99 14.01 -7.13
C LYS A 62 -1.37 15.27 -6.54
N VAL A 63 -0.05 15.38 -6.62
CA VAL A 63 0.70 16.46 -5.98
C VAL A 63 1.24 17.38 -7.06
N LYS A 64 1.11 18.69 -6.85
CA LYS A 64 1.65 19.68 -7.77
C LYS A 64 2.42 20.75 -7.00
N GLY A 65 3.54 21.16 -7.57
CA GLY A 65 4.40 22.13 -6.94
C GLY A 65 5.81 22.05 -7.49
N ILE A 66 6.57 23.11 -7.24
CA ILE A 66 7.95 23.21 -7.72
C ILE A 66 8.80 23.81 -6.61
N ALA A 67 9.98 23.23 -6.40
CA ALA A 67 10.89 23.67 -5.35
C ALA A 67 12.21 24.13 -5.96
N LEU A 68 12.91 25.01 -5.25
CA LEU A 68 14.23 25.49 -5.67
C LEU A 68 15.23 25.31 -4.54
N THR A 69 16.46 24.98 -4.90
CA THR A 69 17.55 24.85 -3.95
C THR A 69 18.76 25.60 -4.49
N ASN A 70 19.41 26.39 -3.64
CA ASN A 70 20.58 27.17 -4.04
C ASN A 70 21.71 26.98 -3.04
N THR A 71 21.93 25.75 -2.60
CA THR A 71 23.04 25.47 -1.71
C THR A 71 24.36 25.49 -2.47
N SER A 72 25.44 25.74 -1.73
CA SER A 72 26.75 25.81 -2.36
C SER A 72 27.25 24.43 -2.77
N GLU A 73 26.86 23.39 -2.03
CA GLU A 73 27.34 22.04 -2.35
C GLU A 73 26.82 21.56 -3.70
N LEU A 74 25.54 21.81 -3.98
CA LEU A 74 24.93 21.36 -5.22
C LEU A 74 24.85 22.44 -6.29
N GLY A 75 24.87 23.72 -5.91
CA GLY A 75 24.85 24.78 -6.89
C GLY A 75 23.50 25.47 -7.00
N GLU A 76 22.77 25.18 -8.07
CA GLU A 76 21.45 25.77 -8.29
C GLU A 76 20.58 24.73 -8.98
N ARG A 77 19.59 24.20 -8.26
CA ARG A 77 18.81 23.07 -8.71
C ARG A 77 17.31 23.33 -8.53
N ILE A 78 16.51 22.75 -9.41
CA ILE A 78 15.05 22.81 -9.33
C ILE A 78 14.52 21.41 -9.10
N TRP A 79 13.33 21.32 -8.48
CA TRP A 79 12.72 20.05 -8.13
C TRP A 79 11.25 20.07 -8.55
N ASP A 80 10.83 19.08 -9.32
CA ASP A 80 9.47 18.94 -9.78
C ASP A 80 8.86 17.68 -9.18
N VAL A 81 7.64 17.36 -9.61
CA VAL A 81 6.89 16.25 -9.02
C VAL A 81 7.60 14.92 -9.19
N ALA A 82 8.49 14.80 -10.18
CA ALA A 82 9.18 13.54 -10.40
C ALA A 82 10.43 13.40 -9.55
N ASP A 83 10.78 14.40 -8.74
CA ASP A 83 12.01 14.36 -7.95
C ASP A 83 11.78 14.17 -6.46
N TYR A 84 10.76 14.82 -5.87
CA TYR A 84 10.58 14.82 -4.43
C TYR A 84 9.52 13.84 -3.95
N ILE A 85 9.08 12.90 -4.79
CA ILE A 85 8.15 11.87 -4.38
C ILE A 85 8.79 10.52 -4.62
N ILE A 86 8.96 9.76 -3.54
CA ILE A 86 9.57 8.43 -3.59
C ILE A 86 8.71 7.48 -2.78
N PRO A 87 8.17 6.40 -3.36
CA PRO A 87 8.24 5.98 -4.77
C PRO A 87 7.29 6.79 -5.67
N PRO A 88 7.45 6.72 -6.99
CA PRO A 88 6.65 7.60 -7.87
C PRO A 88 5.15 7.45 -7.72
N GLN A 89 4.65 6.23 -7.46
CA GLN A 89 3.22 5.99 -7.31
C GLN A 89 2.99 5.17 -6.04
N GLU A 90 2.49 5.84 -5.00
CA GLU A 90 2.09 5.17 -3.77
C GLU A 90 0.74 5.73 -3.32
N ASP A 91 -0.21 5.80 -4.25
CA ASP A 91 -1.47 6.48 -3.99
C ASP A 91 -2.16 5.93 -2.76
N GLY A 92 -2.67 6.84 -1.92
CA GLY A 92 -3.20 6.53 -0.63
C GLY A 92 -2.25 6.86 0.51
N SER A 93 -0.94 6.89 0.23
CA SER A 93 0.05 7.30 1.23
C SER A 93 1.29 7.77 0.48
N PHE A 94 1.43 9.08 0.33
CA PHE A 94 2.49 9.66 -0.48
C PHE A 94 3.53 10.31 0.42
N PHE A 95 4.80 10.21 0.01
CA PHE A 95 5.93 10.77 0.73
C PHE A 95 6.48 11.96 -0.03
N VAL A 96 6.69 13.07 0.66
CA VAL A 96 7.22 14.28 0.06
C VAL A 96 8.58 14.58 0.68
N LEU A 97 9.60 14.60 -0.16
CA LEU A 97 10.95 14.87 0.32
C LEU A 97 11.08 16.32 0.74
N THR A 98 11.76 16.55 1.86
CA THR A 98 11.95 17.92 2.34
C THR A 98 13.43 18.21 2.58
N ASN A 99 14.20 17.23 3.03
CA ASN A 99 15.61 17.44 3.36
C ASN A 99 16.37 16.18 3.01
N MET A 100 17.68 16.31 2.76
CA MET A 100 18.43 15.14 2.31
C MET A 100 19.92 15.29 2.62
N ILE A 101 20.57 14.14 2.74
CA ILE A 101 22.03 14.04 2.86
C ILE A 101 22.51 13.11 1.76
N ILE A 102 23.45 13.58 0.95
CA ILE A 102 23.86 12.91 -0.27
C ILE A 102 25.33 12.51 -0.15
N THR A 103 25.62 11.26 -0.46
CA THR A 103 26.99 10.76 -0.56
C THR A 103 27.21 10.23 -1.96
N THR A 104 28.29 10.65 -2.60
CA THR A 104 28.55 10.34 -4.00
C THR A 104 29.83 9.54 -4.14
N ASN A 105 29.98 8.91 -5.31
CA ASN A 105 31.18 8.15 -5.67
C ASN A 105 31.45 7.02 -4.67
N GLN A 106 30.38 6.36 -4.23
CA GLN A 106 30.50 5.20 -3.36
C GLN A 106 30.73 3.95 -4.19
N THR A 107 31.77 3.19 -3.87
CA THR A 107 32.10 1.96 -4.56
C THR A 107 32.40 0.87 -3.55
N GLN A 108 32.20 -0.37 -3.97
CA GLN A 108 32.55 -1.51 -3.13
C GLN A 108 34.07 -1.60 -3.00
N SER A 109 34.56 -1.45 -1.78
CA SER A 109 36.00 -1.50 -1.57
C SER A 109 36.30 -1.73 -0.10
N LYS A 110 37.53 -2.15 0.16
CA LYS A 110 38.06 -2.14 1.52
C LYS A 110 38.41 -0.72 1.93
N CYS A 111 38.19 -0.41 3.20
CA CYS A 111 37.98 0.96 3.63
C CYS A 111 37.99 0.98 5.16
N ALA A 112 37.88 2.18 5.72
CA ALA A 112 38.02 2.39 7.15
C ALA A 112 36.69 2.80 7.77
N GLU A 113 36.51 2.43 9.04
CA GLU A 113 35.29 2.76 9.77
C GLU A 113 35.35 4.19 10.31
N ASN A 114 34.20 4.65 10.80
CA ASN A 114 34.12 5.93 11.49
C ASN A 114 34.59 5.77 12.93
N PRO A 115 35.06 6.86 13.54
CA PRO A 115 35.46 6.78 14.95
C PRO A 115 34.30 6.37 15.84
N THR A 116 34.60 5.51 16.80
CA THR A 116 33.62 5.01 17.76
C THR A 116 34.33 4.30 18.91
N PRO A 117 33.95 4.58 20.16
CA PRO A 117 34.60 3.89 21.29
C PRO A 117 34.46 2.38 21.23
N ALA A 118 33.37 1.87 20.65
CA ALA A 118 33.16 0.44 20.53
C ALA A 118 33.84 -0.18 19.32
N SER A 119 34.49 0.63 18.48
CA SER A 119 35.18 0.12 17.30
C SER A 119 36.60 0.69 17.18
N THR A 120 37.12 1.26 18.26
CA THR A 120 38.48 1.81 18.22
C THR A 120 39.51 0.69 18.24
N CYS A 121 40.52 0.81 17.38
CA CYS A 121 41.53 -0.23 17.23
C CYS A 121 42.73 0.09 18.10
N THR A 122 43.04 -0.82 19.04
CA THR A 122 44.26 -0.73 19.82
C THR A 122 45.41 -1.49 19.17
N SER A 123 45.12 -2.62 18.56
CA SER A 123 46.11 -3.42 17.84
C SER A 123 45.38 -4.33 16.87
N HIS A 124 46.15 -5.06 16.06
CA HIS A 124 45.53 -5.97 15.09
C HIS A 124 44.69 -7.04 15.77
N ARG A 125 45.08 -7.46 16.97
CA ARG A 125 44.31 -8.47 17.69
C ARG A 125 43.01 -7.92 18.27
N ASP A 126 42.86 -6.59 18.33
CA ASP A 126 41.64 -6.01 18.87
C ASP A 126 40.46 -6.26 17.94
N CYS A 127 40.63 -6.01 16.65
CA CYS A 127 39.56 -6.23 15.68
C CYS A 127 39.48 -7.70 15.31
N LYS A 128 38.26 -8.22 15.23
CA LYS A 128 38.02 -9.61 14.89
C LYS A 128 37.51 -9.71 13.46
N ARG A 129 38.14 -10.58 12.66
CA ARG A 129 37.75 -10.74 11.27
C ARG A 129 36.42 -11.48 11.17
N GLY A 130 35.58 -11.04 10.23
CA GLY A 130 34.31 -11.69 10.00
C GLY A 130 33.20 -11.33 10.96
N PHE A 131 33.46 -10.42 11.90
CA PHE A 131 32.44 -10.04 12.88
C PHE A 131 31.54 -8.98 12.28
N ASN A 132 30.28 -9.33 12.02
CA ASN A 132 29.31 -8.40 11.48
C ASN A 132 28.79 -7.51 12.59
N ASP A 133 28.74 -6.21 12.33
CA ASP A 133 28.33 -5.23 13.33
C ASP A 133 26.89 -4.79 13.08
N ALA A 134 26.25 -4.29 14.14
CA ALA A 134 24.90 -3.75 14.05
C ALA A 134 24.89 -2.24 13.83
N ARG A 135 26.05 -1.60 13.76
CA ARG A 135 26.13 -0.17 13.55
C ARG A 135 25.90 0.24 12.10
N GLY A 136 25.96 -0.71 11.16
CA GLY A 136 25.71 -0.41 9.77
C GLY A 136 26.93 -0.09 8.94
N ASP A 137 28.14 -0.30 9.46
CA ASP A 137 29.34 -0.02 8.67
C ASP A 137 29.64 -1.16 7.70
N GLY A 138 29.86 -2.36 8.22
CA GLY A 138 30.14 -3.49 7.38
C GLY A 138 30.83 -4.58 8.17
N VAL A 139 31.12 -5.68 7.47
CA VAL A 139 31.79 -6.81 8.09
C VAL A 139 33.23 -6.42 8.40
N ARG A 140 33.71 -6.79 9.59
CA ARG A 140 35.03 -6.43 10.03
C ARG A 140 36.07 -7.45 9.54
N THR A 141 37.30 -6.98 9.41
CA THR A 141 38.44 -7.80 9.04
C THR A 141 39.46 -7.79 10.17
N GLY A 142 40.42 -8.70 10.08
CA GLY A 142 41.43 -8.81 11.13
C GLY A 142 42.28 -7.57 11.25
N ARG A 143 42.76 -7.04 10.13
CA ARG A 143 43.61 -5.87 10.13
C ARG A 143 42.79 -4.61 10.40
N CYS A 144 43.49 -3.58 10.88
CA CYS A 144 42.86 -2.28 11.10
C CYS A 144 43.78 -1.18 10.58
N VAL A 145 43.17 -0.07 10.18
CA VAL A 145 43.86 1.01 9.50
C VAL A 145 43.57 2.33 10.21
N SER A 146 44.42 3.31 9.96
CA SER A 146 44.30 4.62 10.59
C SER A 146 43.26 5.44 9.85
N TYR A 147 42.14 5.72 10.52
CA TYR A 147 41.14 6.63 9.94
C TYR A 147 41.72 8.02 9.75
N SER A 148 42.50 8.49 10.73
CA SER A 148 43.20 9.76 10.63
C SER A 148 44.53 9.64 11.35
N ALA A 149 45.25 10.75 11.45
CA ALA A 149 46.52 10.74 12.17
C ALA A 149 46.29 10.48 13.65
N SER A 150 45.24 11.06 14.23
CA SER A 150 45.03 10.95 15.66
C SER A 150 44.54 9.57 16.07
N VAL A 151 43.59 9.00 15.31
CA VAL A 151 42.91 7.78 15.72
C VAL A 151 42.95 6.75 14.60
N LYS A 152 42.82 5.49 14.99
CA LYS A 152 42.75 4.36 14.06
C LYS A 152 41.56 3.48 14.43
N THR A 153 40.95 2.86 13.43
CA THR A 153 39.75 2.06 13.61
C THR A 153 39.85 0.79 12.80
N CYS A 154 38.93 -0.14 13.06
CA CYS A 154 38.93 -1.42 12.36
C CYS A 154 38.61 -1.22 10.88
N GLU A 155 39.16 -2.12 10.06
CA GLU A 155 39.08 -2.02 8.60
C GLU A 155 38.01 -2.94 8.07
N VAL A 156 37.10 -2.40 7.25
CA VAL A 156 35.94 -3.14 6.76
C VAL A 156 35.81 -2.94 5.25
N LEU A 157 35.05 -3.83 4.61
CA LEU A 157 34.75 -3.74 3.19
C LEU A 157 33.29 -3.39 3.00
N SER A 158 33.03 -2.33 2.23
CA SER A 158 31.68 -1.80 2.07
C SER A 158 31.70 -0.75 0.96
N TRP A 159 30.58 -0.06 0.78
CA TRP A 159 30.55 1.11 -0.08
C TRP A 159 31.29 2.25 0.59
N CYS A 160 32.24 2.84 -0.12
CA CYS A 160 32.98 3.97 0.42
C CYS A 160 33.12 5.06 -0.63
N PRO A 161 33.21 6.33 -0.19
CA PRO A 161 33.30 6.83 1.20
C PRO A 161 31.99 6.70 1.98
N LEU A 162 32.09 6.56 3.30
CA LEU A 162 30.92 6.36 4.14
C LEU A 162 30.08 7.64 4.24
N GLU A 163 28.83 7.45 4.68
CA GLU A 163 27.94 8.57 4.96
C GLU A 163 28.36 9.23 6.26
N LYS A 164 28.83 10.48 6.17
CA LYS A 164 29.28 11.19 7.36
C LYS A 164 28.11 11.37 8.33
N ILE A 165 28.43 11.29 9.62
CA ILE A 165 27.43 11.51 10.65
C ILE A 165 27.27 13.01 10.85
N VAL A 166 26.36 13.62 10.09
CA VAL A 166 26.17 15.07 10.09
C VAL A 166 24.70 15.35 10.31
N ASP A 167 24.41 16.34 11.16
CA ASP A 167 23.03 16.74 11.38
C ASP A 167 22.44 17.30 10.08
N PRO A 168 21.15 17.07 9.84
CA PRO A 168 20.52 17.58 8.61
C PRO A 168 20.57 19.09 8.58
N PRO A 169 20.72 19.68 7.39
CA PRO A 169 20.77 21.14 7.29
C PRO A 169 19.50 21.80 7.80
N ASN A 170 19.67 22.98 8.39
CA ASN A 170 18.56 23.78 8.90
C ASN A 170 18.80 25.20 8.44
N PRO A 171 17.86 25.84 7.73
CA PRO A 171 16.51 25.37 7.34
C PRO A 171 16.53 24.25 6.32
N PRO A 172 15.43 23.52 6.16
CA PRO A 172 15.42 22.41 5.21
C PRO A 172 15.65 22.88 3.78
N LEU A 173 16.23 21.99 2.97
CA LEU A 173 16.54 22.32 1.58
C LEU A 173 15.27 22.61 0.79
N LEU A 174 14.24 21.80 0.96
CA LEU A 174 12.96 22.00 0.27
C LEU A 174 11.95 22.62 1.22
N ALA A 175 12.25 23.85 1.65
CA ALA A 175 11.23 24.59 2.39
C ALA A 175 10.00 24.90 1.53
N ASP A 176 10.17 25.27 0.24
CA ASP A 176 9.07 25.66 -0.67
C ASP A 176 8.00 24.61 -0.78
N ALA A 177 8.27 23.42 -0.26
CA ALA A 177 7.30 22.35 -0.10
C ALA A 177 6.13 22.74 0.78
N GLU A 178 6.21 23.91 1.43
CA GLU A 178 5.10 24.44 2.20
C GLU A 178 3.96 24.89 1.29
N ASN A 179 4.29 25.26 0.06
CA ASN A 179 3.33 25.81 -0.89
C ASN A 179 2.85 24.78 -1.90
N PHE A 180 3.18 23.51 -1.71
CA PHE A 180 2.68 22.50 -2.62
C PHE A 180 1.20 22.29 -2.41
N THR A 181 0.54 21.73 -3.43
CA THR A 181 -0.88 21.39 -3.36
C THR A 181 -1.05 19.90 -3.61
N VAL A 182 -2.08 19.32 -2.99
CA VAL A 182 -2.43 17.92 -3.17
C VAL A 182 -3.93 17.81 -3.42
N LEU A 183 -4.29 17.10 -4.49
CA LEU A 183 -5.69 16.82 -4.82
C LEU A 183 -6.01 15.39 -4.41
N ILE A 184 -7.09 15.24 -3.63
CA ILE A 184 -7.51 13.96 -3.07
C ILE A 184 -8.89 13.62 -3.60
N LYS A 185 -9.01 12.49 -4.27
CA LYS A 185 -10.29 11.99 -4.79
C LYS A 185 -10.60 10.66 -4.11
N ASN A 186 -11.75 10.60 -3.44
CA ASN A 186 -12.14 9.44 -2.65
C ASN A 186 -13.47 8.90 -3.16
N ASN A 187 -13.49 7.60 -3.46
CA ASN A 187 -14.69 6.93 -3.93
C ASN A 187 -15.07 5.85 -2.92
N ILE A 188 -16.28 5.94 -2.37
CA ILE A 188 -16.74 5.04 -1.32
C ILE A 188 -17.91 4.23 -1.83
N ARG A 189 -18.09 3.06 -1.23
CA ARG A 189 -19.22 2.19 -1.52
C ARG A 189 -19.65 1.48 -0.25
N TYR A 190 -20.96 1.41 -0.04
CA TYR A 190 -21.58 0.57 0.98
C TYR A 190 -22.20 -0.63 0.28
N PRO A 191 -21.67 -1.84 0.48
CA PRO A 191 -22.13 -2.97 -0.33
C PRO A 191 -23.56 -3.41 -0.02
N LYS A 192 -23.93 -3.51 1.26
CA LYS A 192 -25.25 -4.03 1.61
C LYS A 192 -26.36 -3.15 1.05
N PHE A 193 -26.19 -1.84 1.12
CA PHE A 193 -27.18 -0.90 0.62
C PHE A 193 -27.00 -0.60 -0.86
N ASN A 194 -25.93 -1.09 -1.47
CA ASN A 194 -25.62 -0.82 -2.86
C ASN A 194 -25.50 0.69 -3.11
N PHE A 195 -24.63 1.32 -2.33
CA PHE A 195 -24.44 2.76 -2.38
C PHE A 195 -23.04 3.08 -2.89
N ASN A 196 -22.95 4.03 -3.81
CA ASN A 196 -21.67 4.52 -4.33
C ASN A 196 -21.65 6.03 -4.25
N LYS A 197 -20.55 6.58 -3.76
CA LYS A 197 -20.46 8.03 -3.59
C LYS A 197 -19.03 8.46 -3.90
N ARG A 198 -18.90 9.74 -4.27
CA ARG A 198 -17.61 10.37 -4.48
C ARG A 198 -17.51 11.62 -3.62
N ASN A 199 -16.28 12.02 -3.30
CA ASN A 199 -16.08 13.19 -2.47
C ASN A 199 -16.21 14.49 -3.24
N ILE A 200 -16.34 14.44 -4.56
CA ILE A 200 -16.55 15.64 -5.37
C ILE A 200 -18.04 15.76 -5.60
N LEU A 201 -18.64 16.79 -4.98
CA LEU A 201 -20.08 16.96 -5.03
C LEU A 201 -20.55 17.31 -6.44
N PRO A 202 -21.74 16.85 -6.83
CA PRO A 202 -22.24 17.16 -8.18
C PRO A 202 -22.52 18.63 -8.39
N ASN A 203 -22.68 19.41 -7.33
CA ASN A 203 -22.91 20.84 -7.47
C ASN A 203 -21.66 21.60 -7.88
N ILE A 204 -20.50 20.96 -7.87
CA ILE A 204 -19.23 21.63 -8.14
C ILE A 204 -18.89 21.50 -9.62
N ASN A 205 -18.61 22.62 -10.27
CA ASN A 205 -18.26 22.63 -11.68
C ASN A 205 -16.75 22.59 -11.87
N SER A 206 -16.33 22.19 -13.08
CA SER A 206 -14.91 22.04 -13.34
C SER A 206 -14.17 23.37 -13.35
N SER A 207 -14.85 24.45 -13.75
CA SER A 207 -14.19 25.75 -13.81
C SER A 207 -13.73 26.19 -12.42
N TYR A 208 -14.53 25.91 -11.39
CA TYR A 208 -14.12 26.23 -10.03
C TYR A 208 -13.03 25.29 -9.54
N LEU A 209 -13.03 24.04 -10.00
CA LEU A 209 -12.00 23.08 -9.57
C LEU A 209 -10.65 23.37 -10.21
N THR A 210 -10.64 24.03 -11.37
CA THR A 210 -9.37 24.36 -12.01
C THR A 210 -8.53 25.30 -11.15
N HIS A 211 -9.15 26.32 -10.58
CA HIS A 211 -8.49 27.30 -9.72
C HIS A 211 -9.23 27.29 -8.39
N CYS A 212 -8.72 26.49 -7.44
CA CYS A 212 -9.42 26.16 -6.22
C CYS A 212 -8.39 25.91 -5.12
N VAL A 213 -8.79 26.12 -3.88
CA VAL A 213 -7.96 25.78 -2.73
C VAL A 213 -8.88 25.55 -1.55
N PHE A 214 -8.42 24.73 -0.60
CA PHE A 214 -9.25 24.37 0.53
C PHE A 214 -9.11 25.41 1.63
N SER A 215 -10.22 26.01 2.02
CA SER A 215 -10.28 26.90 3.17
C SER A 215 -11.44 26.47 4.04
N ARG A 216 -11.18 26.29 5.34
CA ARG A 216 -12.19 25.76 6.23
C ARG A 216 -13.41 26.67 6.30
N LYS A 217 -13.19 27.98 6.24
CA LYS A 217 -14.27 28.95 6.37
C LYS A 217 -14.87 29.37 5.04
N THR A 218 -14.10 29.30 3.95
CA THR A 218 -14.55 29.81 2.66
C THR A 218 -14.88 28.72 1.66
N ASP A 219 -14.03 27.70 1.52
CA ASP A 219 -14.17 26.67 0.49
C ASP A 219 -14.13 25.30 1.14
N PRO A 220 -15.19 24.90 1.84
CA PRO A 220 -15.19 23.59 2.50
C PRO A 220 -15.30 22.42 1.55
N ASP A 221 -15.83 22.62 0.35
CA ASP A 221 -16.00 21.54 -0.61
C ASP A 221 -14.82 21.40 -1.56
N CYS A 222 -13.81 22.25 -1.48
CA CYS A 222 -12.68 22.03 -2.37
C CYS A 222 -11.85 20.86 -1.85
N PRO A 223 -11.52 19.90 -2.70
CA PRO A 223 -10.64 18.80 -2.30
C PRO A 223 -9.16 19.05 -2.56
N ILE A 224 -8.77 20.28 -2.90
CA ILE A 224 -7.39 20.62 -3.21
C ILE A 224 -6.80 21.25 -1.96
N PHE A 225 -6.06 20.48 -1.19
CA PHE A 225 -5.47 20.93 0.06
C PHE A 225 -4.06 21.45 -0.17
N ARG A 226 -3.59 22.25 0.78
CA ARG A 226 -2.22 22.74 0.80
C ARG A 226 -1.48 22.06 1.94
N LEU A 227 -0.25 21.62 1.66
CA LEU A 227 0.52 20.89 2.68
C LEU A 227 0.77 21.77 3.91
N GLY A 228 1.12 23.03 3.69
CA GLY A 228 1.29 23.93 4.82
C GLY A 228 0.03 24.07 5.65
N ASP A 229 -1.12 24.16 4.98
CA ASP A 229 -2.39 24.22 5.70
C ASP A 229 -2.67 22.93 6.46
N ILE A 230 -2.39 21.78 5.86
CA ILE A 230 -2.63 20.51 6.55
C ILE A 230 -1.79 20.43 7.81
N VAL A 231 -0.53 20.85 7.73
CA VAL A 231 0.33 20.80 8.91
C VAL A 231 -0.13 21.84 9.94
N GLY A 232 -0.55 23.02 9.49
CA GLY A 232 -0.99 24.05 10.42
C GLY A 232 -2.26 23.67 11.16
N GLU A 233 -3.17 22.96 10.49
CA GLU A 233 -4.40 22.52 11.14
C GLU A 233 -4.17 21.58 12.31
N ALA A 234 -2.99 20.99 12.41
CA ALA A 234 -2.61 20.17 13.55
C ALA A 234 -1.84 20.96 14.61
N GLU A 235 -1.83 22.29 14.52
CA GLU A 235 -1.16 23.16 15.49
C GLU A 235 0.34 22.90 15.53
N GLU A 236 0.97 22.86 14.35
CA GLU A 236 2.40 22.67 14.24
C GLU A 236 2.95 23.59 13.16
N ASP A 237 4.27 23.78 13.19
CA ASP A 237 4.97 24.57 12.20
C ASP A 237 5.58 23.66 11.16
N PHE A 238 5.48 24.06 9.89
CA PHE A 238 5.93 23.18 8.81
C PHE A 238 7.45 23.03 8.81
N GLN A 239 8.17 24.13 9.01
CA GLN A 239 9.63 24.09 8.87
C GLN A 239 10.26 23.17 9.91
N ILE A 240 9.82 23.29 11.16
CA ILE A 240 10.38 22.47 12.23
C ILE A 240 10.13 20.99 11.95
N MET A 241 8.93 20.66 11.50
CA MET A 241 8.62 19.27 11.17
C MET A 241 9.46 18.78 10.00
N ALA A 242 9.63 19.61 8.98
CA ALA A 242 10.35 19.20 7.77
C ALA A 242 11.85 19.16 7.95
N VAL A 243 12.38 19.76 9.03
CA VAL A 243 13.81 19.63 9.30
C VAL A 243 14.19 18.16 9.47
N ARG A 244 13.38 17.41 10.21
CA ARG A 244 13.64 16.01 10.48
C ARG A 244 12.57 15.08 9.96
N GLY A 245 11.50 15.61 9.36
CA GLY A 245 10.41 14.79 8.89
C GLY A 245 9.41 14.45 9.98
N GLY A 246 8.35 13.78 9.55
CA GLY A 246 7.31 13.33 10.46
C GLY A 246 6.24 12.63 9.65
N VAL A 247 5.21 12.17 10.35
CA VAL A 247 4.09 11.48 9.72
C VAL A 247 2.82 12.27 10.01
N MET A 248 2.06 12.55 8.96
CA MET A 248 0.78 13.22 9.08
C MET A 248 -0.32 12.30 8.56
N GLY A 249 -1.53 12.50 9.07
CA GLY A 249 -2.64 11.66 8.68
C GLY A 249 -3.89 12.45 8.40
N VAL A 250 -4.47 12.22 7.23
CA VAL A 250 -5.70 12.86 6.80
C VAL A 250 -6.82 11.85 6.97
N GLN A 251 -7.76 12.15 7.86
CA GLN A 251 -8.88 11.28 8.17
C GLN A 251 -10.15 11.81 7.53
N ILE A 252 -10.80 10.99 6.74
CA ILE A 252 -12.05 11.34 6.06
C ILE A 252 -13.14 10.48 6.66
N ARG A 253 -14.17 11.12 7.21
CA ARG A 253 -15.26 10.42 7.88
C ARG A 253 -16.52 10.49 7.03
N TRP A 254 -17.06 9.32 6.68
CA TRP A 254 -18.28 9.18 5.90
C TRP A 254 -19.34 8.59 6.82
N ASP A 255 -20.00 9.45 7.60
CA ASP A 255 -21.10 9.03 8.46
C ASP A 255 -22.38 9.53 7.81
N CYS A 256 -23.03 8.64 7.05
CA CYS A 256 -24.16 9.00 6.22
C CYS A 256 -25.38 8.20 6.64
N ASP A 257 -26.50 8.89 6.81
CA ASP A 257 -27.78 8.28 7.14
C ASP A 257 -28.58 8.16 5.84
N LEU A 258 -28.75 6.93 5.36
CA LEU A 258 -29.39 6.73 4.07
C LEU A 258 -30.90 6.93 4.13
N ASP A 259 -31.49 6.94 5.32
CA ASP A 259 -32.90 7.32 5.44
C ASP A 259 -33.11 8.77 5.04
N MET A 260 -32.20 9.65 5.44
CA MET A 260 -32.22 11.03 4.98
C MET A 260 -31.86 11.09 3.49
N PRO A 261 -32.20 12.18 2.81
CA PRO A 261 -31.86 12.30 1.39
C PRO A 261 -30.37 12.11 1.13
N GLN A 262 -30.06 11.79 -0.12
CA GLN A 262 -28.69 11.46 -0.50
C GLN A 262 -27.75 12.66 -0.35
N SER A 263 -28.26 13.87 -0.59
CA SER A 263 -27.40 15.05 -0.56
C SER A 263 -26.86 15.35 0.83
N TRP A 264 -27.43 14.75 1.87
CA TRP A 264 -26.92 14.93 3.22
C TRP A 264 -25.68 14.10 3.51
N CYS A 265 -25.27 13.24 2.57
CA CYS A 265 -24.10 12.38 2.72
C CYS A 265 -22.87 13.18 2.27
N VAL A 266 -22.10 13.67 3.24
CA VAL A 266 -20.88 14.42 2.94
C VAL A 266 -19.74 13.93 3.81
N PRO A 267 -18.49 14.06 3.38
CA PRO A 267 -17.36 13.65 4.20
C PRO A 267 -16.84 14.78 5.09
N ARG A 268 -16.17 14.38 6.17
CA ARG A 268 -15.58 15.30 7.13
C ARG A 268 -14.08 15.07 7.22
N TYR A 269 -13.30 16.14 7.07
CA TYR A 269 -11.85 16.04 7.00
C TYR A 269 -11.23 16.47 8.34
N THR A 270 -10.32 15.65 8.84
CA THR A 270 -9.56 15.96 10.05
C THR A 270 -8.09 15.64 9.78
N PHE A 271 -7.20 16.33 10.47
CA PHE A 271 -5.76 16.15 10.26
C PHE A 271 -5.10 15.92 11.59
N ARG A 272 -4.23 14.91 11.67
CA ARG A 272 -3.64 14.55 12.94
C ARG A 272 -2.20 14.09 12.73
N ARG A 273 -1.31 14.51 13.62
CA ARG A 273 0.04 13.97 13.62
C ARG A 273 0.03 12.54 14.15
N LEU A 274 0.91 11.71 13.61
CA LEU A 274 0.91 10.29 13.92
C LEU A 274 2.21 9.78 14.53
N ASP A 275 3.22 10.62 14.69
CA ASP A 275 4.49 10.20 15.27
C ASP A 275 4.75 10.95 16.57
N ASN A 276 5.44 10.27 17.48
CA ASN A 276 5.74 10.84 18.78
C ASN A 276 6.75 11.97 18.66
N LYS A 277 6.58 12.99 19.50
CA LYS A 277 7.52 14.11 19.56
C LYS A 277 8.39 14.11 20.80
N ASP A 278 8.03 13.35 21.83
CA ASP A 278 8.82 13.32 23.05
C ASP A 278 10.14 12.64 22.77
N PRO A 279 11.28 13.31 23.03
CA PRO A 279 12.58 12.68 22.76
C PRO A 279 13.02 11.66 23.79
N ASP A 280 12.21 11.40 24.81
CA ASP A 280 12.57 10.47 25.87
C ASP A 280 11.95 9.10 25.71
N ASN A 281 10.81 8.99 25.03
CA ASN A 281 10.09 7.73 24.91
C ASN A 281 10.26 7.05 23.57
N ASN A 282 10.27 7.80 22.47
CA ASN A 282 10.35 7.19 21.16
C ASN A 282 11.81 6.92 20.77
N VAL A 283 11.97 6.14 19.71
CA VAL A 283 13.28 5.84 19.12
C VAL A 283 13.24 6.20 17.64
N ALA A 284 14.34 6.77 17.15
CA ALA A 284 14.44 7.25 15.77
C ALA A 284 13.38 8.31 15.50
N PRO A 285 13.53 9.52 16.05
CA PRO A 285 12.51 10.55 15.86
C PRO A 285 12.39 10.97 14.39
N GLY A 286 11.21 11.43 14.03
CA GLY A 286 10.96 11.85 12.67
C GLY A 286 10.75 10.68 11.74
N TYR A 287 10.84 10.98 10.44
CA TYR A 287 10.63 9.96 9.41
C TYR A 287 11.67 10.17 8.31
N ASN A 288 12.60 9.23 8.19
CA ASN A 288 13.64 9.29 7.17
C ASN A 288 13.93 7.89 6.67
N PHE A 289 14.46 7.81 5.45
CA PHE A 289 14.89 6.52 4.90
C PHE A 289 15.96 6.76 3.84
N ARG A 290 16.68 5.70 3.51
CA ARG A 290 17.79 5.78 2.58
C ARG A 290 17.45 5.07 1.27
N PHE A 291 17.88 5.66 0.16
CA PHE A 291 17.77 5.04 -1.17
C PHE A 291 19.04 5.36 -1.95
N ALA A 292 19.14 4.82 -3.17
CA ALA A 292 20.39 4.89 -3.89
C ALA A 292 20.16 5.01 -5.38
N LYS A 293 21.15 5.57 -6.07
CA LYS A 293 21.23 5.60 -7.51
C LYS A 293 22.48 4.86 -7.96
N TYR A 294 22.35 4.05 -9.01
CA TYR A 294 23.44 3.21 -9.49
C TYR A 294 23.86 3.69 -10.88
N TYR A 295 25.17 3.77 -11.09
CA TYR A 295 25.73 4.19 -12.37
C TYR A 295 26.84 3.22 -12.77
N LYS A 296 27.02 3.09 -14.08
CA LYS A 296 28.07 2.25 -14.65
C LYS A 296 29.01 3.12 -15.46
N ASN A 297 30.31 3.03 -15.19
CA ASN A 297 31.31 3.80 -15.90
C ASN A 297 31.70 3.10 -17.20
N SER A 298 32.60 3.74 -17.95
CA SER A 298 33.03 3.19 -19.23
C SER A 298 33.76 1.86 -19.06
N ASP A 299 34.63 1.78 -18.04
CA ASP A 299 35.38 0.56 -17.78
C ASP A 299 34.52 -0.54 -17.16
N GLY A 300 33.27 -0.24 -16.80
CA GLY A 300 32.35 -1.24 -16.30
C GLY A 300 32.18 -1.24 -14.79
N THR A 301 32.99 -0.51 -14.05
CA THR A 301 32.86 -0.46 -12.61
C THR A 301 31.54 0.23 -12.22
N GLU A 302 30.99 -0.19 -11.09
CA GLU A 302 29.70 0.31 -10.62
C GLU A 302 29.91 1.31 -9.49
N THR A 303 29.20 2.44 -9.59
CA THR A 303 29.25 3.49 -8.59
C THR A 303 27.85 3.73 -8.05
N ARG A 304 27.77 4.18 -6.80
CA ARG A 304 26.49 4.40 -6.14
C ARG A 304 26.46 5.79 -5.51
N THR A 305 25.29 6.43 -5.56
CA THR A 305 25.03 7.68 -4.87
C THR A 305 23.91 7.42 -3.87
N LEU A 306 24.23 7.54 -2.58
CA LEU A 306 23.30 7.21 -1.51
C LEU A 306 22.69 8.48 -0.95
N ILE A 307 21.36 8.54 -0.94
CA ILE A 307 20.64 9.69 -0.41
C ILE A 307 19.84 9.22 0.80
N LYS A 308 20.08 9.85 1.95
CA LYS A 308 19.23 9.69 3.13
C LYS A 308 18.26 10.86 3.14
N GLY A 309 16.99 10.57 2.96
CA GLY A 309 15.96 11.58 2.82
C GLY A 309 15.07 11.66 4.05
N TYR A 310 14.85 12.89 4.51
CA TYR A 310 13.90 13.22 5.55
C TYR A 310 12.70 13.89 4.90
N GLY A 311 11.50 13.39 5.19
CA GLY A 311 10.32 14.00 4.62
C GLY A 311 9.10 13.68 5.44
N ILE A 312 7.99 14.31 5.06
CA ILE A 312 6.72 14.18 5.76
C ILE A 312 5.85 13.23 4.96
N ARG A 313 5.40 12.16 5.60
CA ARG A 313 4.59 11.14 4.95
C ARG A 313 3.13 11.35 5.33
N PHE A 314 2.29 11.54 4.33
CA PHE A 314 0.86 11.78 4.54
C PHE A 314 0.11 10.48 4.28
N ASP A 315 -0.68 10.04 5.25
CA ASP A 315 -1.52 8.84 5.12
C ASP A 315 -2.98 9.26 5.07
N VAL A 316 -3.71 8.75 4.08
CA VAL A 316 -5.14 8.99 3.96
C VAL A 316 -5.87 7.83 4.62
N MET A 317 -6.65 8.14 5.66
CA MET A 317 -7.37 7.13 6.44
C MET A 317 -8.85 7.42 6.32
N VAL A 318 -9.57 6.53 5.62
CA VAL A 318 -10.98 6.71 5.33
C VAL A 318 -11.77 5.72 6.19
N PHE A 319 -12.77 6.22 6.90
CA PHE A 319 -13.61 5.37 7.72
C PHE A 319 -15.02 5.94 7.76
N GLY A 320 -15.98 5.07 8.06
CA GLY A 320 -17.35 5.50 8.14
C GLY A 320 -18.28 4.34 8.45
N GLN A 321 -19.56 4.67 8.55
CA GLN A 321 -20.61 3.70 8.80
C GLN A 321 -21.93 4.30 8.38
N ALA A 322 -22.77 3.50 7.73
CA ALA A 322 -24.03 3.97 7.21
C ALA A 322 -25.16 3.11 7.77
N GLY A 323 -26.34 3.71 7.89
CA GLY A 323 -27.48 3.00 8.44
C GLY A 323 -28.73 3.24 7.60
N LYS A 324 -29.58 2.22 7.55
CA LYS A 324 -30.84 2.33 6.85
C LYS A 324 -31.95 1.67 7.67
N PHE A 325 -33.17 2.12 7.43
CA PHE A 325 -34.32 1.66 8.23
C PHE A 325 -34.51 0.16 8.09
N ASN A 326 -34.96 -0.47 9.17
CA ASN A 326 -35.29 -1.89 9.14
C ASN A 326 -36.47 -2.14 10.07
N ILE A 327 -37.14 -3.27 9.85
CA ILE A 327 -38.34 -3.63 10.60
C ILE A 327 -38.02 -4.52 11.79
N ILE A 328 -37.23 -5.58 11.55
CA ILE A 328 -36.95 -6.54 12.63
C ILE A 328 -36.24 -5.89 13.80
N PRO A 329 -35.14 -5.13 13.63
CA PRO A 329 -34.52 -4.48 14.79
C PRO A 329 -35.46 -3.53 15.51
N THR A 330 -36.33 -2.84 14.79
CA THR A 330 -37.29 -1.96 15.43
C THR A 330 -38.23 -2.74 16.34
N LEU A 331 -38.75 -3.86 15.85
CA LEU A 331 -39.67 -4.66 16.67
C LEU A 331 -38.96 -5.22 17.89
N LEU A 332 -37.71 -5.70 17.72
CA LEU A 332 -36.99 -6.22 18.88
C LEU A 332 -36.73 -5.14 19.92
N ASN A 333 -36.37 -3.93 19.47
CA ASN A 333 -36.15 -2.84 20.41
C ASN A 333 -37.44 -2.43 21.11
N ILE A 334 -38.55 -2.42 20.37
CA ILE A 334 -39.84 -2.11 20.98
C ILE A 334 -40.21 -3.14 22.05
N GLY A 335 -39.97 -4.42 21.75
CA GLY A 335 -40.22 -5.46 22.74
C GLY A 335 -39.35 -5.32 23.97
N ALA A 336 -38.06 -5.04 23.79
CA ALA A 336 -37.17 -4.86 24.93
C ALA A 336 -37.57 -3.65 25.76
N GLY A 337 -37.99 -2.57 25.09
CA GLY A 337 -38.47 -1.41 25.82
C GLY A 337 -39.73 -1.70 26.61
N LEU A 338 -40.63 -2.51 26.05
CA LEU A 338 -41.82 -2.89 26.80
C LEU A 338 -41.48 -3.78 27.99
N ALA A 339 -40.49 -4.66 27.84
CA ALA A 339 -40.03 -5.46 28.97
C ALA A 339 -39.44 -4.56 30.05
N LEU A 340 -38.66 -3.55 29.65
CA LEU A 340 -38.11 -2.61 30.62
C LEU A 340 -39.22 -1.81 31.31
N LEU A 341 -40.27 -1.46 30.56
CA LEU A 341 -41.42 -0.81 31.16
C LEU A 341 -42.09 -1.70 32.20
N GLY A 342 -42.24 -2.99 31.88
CA GLY A 342 -42.77 -3.92 32.86
C GLY A 342 -41.90 -4.00 34.10
N LEU A 343 -40.59 -4.04 33.92
CA LEU A 343 -39.66 -4.08 35.06
C LEU A 343 -39.80 -2.84 35.92
N VAL A 344 -39.85 -1.66 35.31
CA VAL A 344 -39.94 -0.44 36.10
C VAL A 344 -41.29 -0.32 36.77
N ASN A 345 -42.36 -0.83 36.14
CA ASN A 345 -43.66 -0.85 36.80
C ASN A 345 -43.64 -1.77 38.01
N VAL A 346 -43.01 -2.95 37.88
CA VAL A 346 -42.89 -3.85 39.02
C VAL A 346 -42.09 -3.20 40.14
N ILE A 347 -41.00 -2.52 39.79
CA ILE A 347 -40.17 -1.86 40.80
C ILE A 347 -40.95 -0.78 41.52
N CYS A 348 -41.69 0.04 40.76
CA CYS A 348 -42.49 1.08 41.39
C CYS A 348 -43.62 0.51 42.25
N ASP A 349 -44.15 -0.66 41.88
CA ASP A 349 -45.17 -1.29 42.70
C ASP A 349 -44.63 -1.65 44.08
N TRP A 350 -43.40 -2.16 44.14
CA TRP A 350 -42.78 -2.52 45.40
C TRP A 350 -42.32 -1.28 46.16
N ILE B 35 -46.13 -16.29 16.87
CA ILE B 35 -45.26 -17.38 17.25
C ILE B 35 -44.52 -17.92 16.04
N ALA B 36 -45.28 -18.27 14.99
CA ALA B 36 -44.64 -18.77 13.77
C ALA B 36 -43.82 -17.68 13.08
N TYR B 37 -44.29 -16.42 13.15
CA TYR B 37 -43.61 -15.32 12.48
C TYR B 37 -42.21 -15.10 13.05
N VAL B 38 -42.07 -15.16 14.37
CA VAL B 38 -40.79 -14.86 15.02
C VAL B 38 -39.71 -15.82 14.55
N ILE B 39 -39.96 -17.13 14.71
CA ILE B 39 -38.99 -18.13 14.29
C ILE B 39 -38.84 -18.11 12.78
N GLY B 40 -39.92 -17.82 12.05
CA GLY B 40 -39.86 -17.86 10.60
C GLY B 40 -38.95 -16.80 10.01
N TYR B 41 -39.02 -15.57 10.54
CA TYR B 41 -38.28 -14.45 9.96
C TYR B 41 -37.16 -13.94 10.85
N VAL B 42 -37.46 -13.62 12.10
CA VAL B 42 -36.46 -12.96 12.95
C VAL B 42 -35.34 -13.92 13.33
N CYS B 43 -35.68 -15.16 13.66
CA CYS B 43 -34.67 -16.11 14.10
C CYS B 43 -33.83 -16.64 12.94
N VAL B 44 -34.43 -16.77 11.76
CA VAL B 44 -33.75 -17.42 10.65
C VAL B 44 -33.15 -16.40 9.69
N TYR B 45 -34.00 -15.59 9.05
CA TYR B 45 -33.53 -14.73 7.97
C TYR B 45 -32.74 -13.53 8.50
N ASN B 46 -33.12 -12.99 9.66
CA ASN B 46 -32.39 -11.85 10.20
C ASN B 46 -31.02 -12.23 10.75
N LYS B 47 -30.72 -13.53 10.85
CA LYS B 47 -29.46 -14.02 11.41
C LYS B 47 -29.23 -13.46 12.81
N GLY B 48 -30.30 -13.43 13.62
CA GLY B 48 -30.17 -12.97 14.99
C GLY B 48 -29.46 -13.96 15.89
N TYR B 49 -29.40 -15.22 15.48
CA TYR B 49 -28.72 -16.27 16.24
C TYR B 49 -27.25 -16.41 15.87
N GLN B 50 -26.68 -15.40 15.23
CA GLN B 50 -25.31 -15.46 14.73
C GLN B 50 -24.44 -14.45 15.46
N ASP B 51 -23.29 -14.90 15.94
CA ASP B 51 -22.22 -13.99 16.34
C ASP B 51 -21.33 -13.78 15.13
N THR B 52 -21.07 -12.51 14.80
CA THR B 52 -20.48 -12.12 13.54
C THR B 52 -19.06 -11.58 13.73
N ASP B 53 -18.27 -11.73 12.68
CA ASP B 53 -16.89 -11.26 12.66
C ASP B 53 -16.55 -10.77 11.26
N THR B 54 -15.54 -9.91 11.18
CA THR B 54 -15.06 -9.36 9.92
C THR B 54 -13.88 -10.19 9.41
N VAL B 55 -13.36 -9.80 8.25
CA VAL B 55 -12.33 -10.56 7.56
C VAL B 55 -11.00 -9.83 7.62
N LEU B 56 -9.91 -10.61 7.64
CA LEU B 56 -8.56 -10.11 7.60
C LEU B 56 -7.85 -10.78 6.43
N SER B 57 -7.53 -10.02 5.39
CA SER B 57 -7.14 -10.60 4.12
C SER B 57 -5.78 -10.10 3.65
N SER B 58 -5.12 -10.93 2.87
CA SER B 58 -3.90 -10.58 2.15
C SER B 58 -4.05 -10.99 0.70
N VAL B 59 -3.51 -10.18 -0.22
CA VAL B 59 -3.66 -10.38 -1.65
C VAL B 59 -2.30 -10.38 -2.31
N THR B 60 -2.11 -11.28 -3.27
CA THR B 60 -0.89 -11.37 -4.07
C THR B 60 -1.28 -11.43 -5.54
N THR B 61 -0.67 -10.57 -6.36
CA THR B 61 -0.98 -10.47 -7.77
C THR B 61 0.28 -10.67 -8.61
N LYS B 62 0.16 -11.46 -9.67
CA LYS B 62 1.26 -11.66 -10.61
C LYS B 62 0.74 -11.48 -12.03
N VAL B 63 1.43 -10.65 -12.82
CA VAL B 63 0.97 -10.27 -14.16
C VAL B 63 1.90 -10.90 -15.18
N LYS B 64 1.32 -11.46 -16.23
CA LYS B 64 2.08 -12.05 -17.33
C LYS B 64 1.54 -11.57 -18.66
N GLY B 65 2.46 -11.30 -19.58
CA GLY B 65 2.10 -10.78 -20.89
C GLY B 65 3.27 -10.07 -21.52
N ILE B 66 3.17 -9.88 -22.83
CA ILE B 66 4.21 -9.23 -23.62
C ILE B 66 3.56 -8.29 -24.62
N ALA B 67 4.12 -7.09 -24.75
CA ALA B 67 3.58 -6.08 -25.65
C ALA B 67 4.61 -5.70 -26.70
N LEU B 68 4.13 -5.21 -27.84
CA LEU B 68 5.00 -4.75 -28.91
C LEU B 68 4.60 -3.35 -29.33
N THR B 69 5.60 -2.53 -29.68
CA THR B 69 5.38 -1.18 -30.18
C THR B 69 6.23 -0.99 -31.42
N ASN B 70 5.64 -0.42 -32.47
CA ASN B 70 6.33 -0.19 -33.73
C ASN B 70 6.11 1.25 -34.20
N THR B 71 6.18 2.20 -33.29
CA THR B 71 6.05 3.60 -33.66
C THR B 71 7.33 4.08 -34.34
N SER B 72 7.19 5.14 -35.15
CA SER B 72 8.34 5.67 -35.87
C SER B 72 9.28 6.42 -34.93
N GLU B 73 8.75 7.03 -33.87
CA GLU B 73 9.60 7.79 -32.96
C GLU B 73 10.59 6.89 -32.22
N LEU B 74 10.13 5.73 -31.76
CA LEU B 74 10.98 4.82 -31.00
C LEU B 74 11.55 3.68 -31.85
N GLY B 75 10.92 3.33 -32.96
CA GLY B 75 11.43 2.29 -33.82
C GLY B 75 10.68 0.98 -33.69
N GLU B 76 11.29 0.01 -33.01
CA GLU B 76 10.67 -1.30 -32.82
C GLU B 76 11.08 -1.82 -31.45
N ARG B 77 10.13 -1.87 -30.52
CA ARG B 77 10.42 -2.16 -29.11
C ARG B 77 9.46 -3.21 -28.57
N ILE B 78 9.95 -4.01 -27.62
CA ILE B 78 9.15 -5.01 -26.93
C ILE B 78 9.06 -4.60 -25.46
N TRP B 79 8.00 -5.06 -24.79
CA TRP B 79 7.74 -4.72 -23.40
C TRP B 79 7.35 -5.98 -22.64
N ASP B 80 8.05 -6.24 -21.54
CA ASP B 80 7.79 -7.39 -20.69
C ASP B 80 7.32 -6.91 -19.32
N VAL B 81 7.16 -7.86 -18.39
CA VAL B 81 6.60 -7.55 -17.08
C VAL B 81 7.45 -6.54 -16.31
N ALA B 82 8.72 -6.42 -16.64
CA ALA B 82 9.58 -5.50 -15.92
C ALA B 82 9.53 -4.08 -16.47
N ASP B 83 8.77 -3.84 -17.54
CA ASP B 83 8.72 -2.53 -18.19
C ASP B 83 7.42 -1.77 -17.95
N TYR B 84 6.28 -2.44 -18.01
CA TYR B 84 4.99 -1.78 -17.98
C TYR B 84 4.32 -1.81 -16.60
N ILE B 85 5.05 -2.15 -15.55
CA ILE B 85 4.52 -2.12 -14.19
C ILE B 85 5.39 -1.18 -13.37
N ILE B 86 4.78 -0.11 -12.85
CA ILE B 86 5.47 0.89 -12.04
C ILE B 86 4.63 1.17 -10.81
N PRO B 87 5.12 0.96 -9.58
CA PRO B 87 6.43 0.40 -9.20
C PRO B 87 6.49 -1.12 -9.36
N PRO B 88 7.69 -1.72 -9.33
CA PRO B 88 7.79 -3.16 -9.63
C PRO B 88 6.97 -4.05 -8.71
N GLN B 89 6.84 -3.71 -7.44
CA GLN B 89 6.06 -4.51 -6.49
C GLN B 89 5.11 -3.60 -5.72
N GLU B 90 3.83 -3.66 -6.07
CA GLU B 90 2.78 -2.95 -5.35
C GLU B 90 1.60 -3.90 -5.14
N ASP B 91 1.89 -5.11 -4.66
CA ASP B 91 0.87 -6.16 -4.61
C ASP B 91 -0.35 -5.70 -3.82
N GLY B 92 -1.53 -6.00 -4.36
CA GLY B 92 -2.79 -5.50 -3.87
C GLY B 92 -3.34 -4.35 -4.69
N SER B 93 -2.48 -3.63 -5.39
CA SER B 93 -2.93 -2.56 -6.29
C SER B 93 -1.81 -2.33 -7.31
N PHE B 94 -1.98 -2.90 -8.50
CA PHE B 94 -0.93 -2.87 -9.52
C PHE B 94 -1.33 -1.95 -10.66
N PHE B 95 -0.34 -1.24 -11.20
CA PHE B 95 -0.53 -0.31 -12.29
C PHE B 95 0.07 -0.89 -13.57
N VAL B 96 -0.70 -0.86 -14.65
CA VAL B 96 -0.26 -1.38 -15.94
C VAL B 96 -0.18 -0.22 -16.92
N LEU B 97 1.02 0.02 -17.44
CA LEU B 97 1.21 1.11 -18.39
C LEU B 97 0.55 0.77 -19.72
N THR B 98 -0.12 1.76 -20.31
CA THR B 98 -0.77 1.55 -21.60
C THR B 98 -0.33 2.58 -22.63
N ASN B 99 -0.05 3.81 -22.21
CA ASN B 99 0.31 4.88 -23.13
C ASN B 99 1.31 5.79 -22.44
N MET B 100 2.13 6.50 -23.22
CA MET B 100 3.17 7.30 -22.60
C MET B 100 3.60 8.44 -23.52
N ILE B 101 4.12 9.50 -22.88
CA ILE B 101 4.77 10.61 -23.56
C ILE B 101 6.17 10.76 -22.97
N ILE B 102 7.17 10.75 -23.85
CA ILE B 102 8.57 10.66 -23.44
C ILE B 102 9.29 11.94 -23.86
N THR B 103 10.02 12.54 -22.94
CA THR B 103 10.91 13.66 -23.23
C THR B 103 12.32 13.27 -22.83
N THR B 104 13.27 13.47 -23.74
CA THR B 104 14.63 13.02 -23.55
C THR B 104 15.60 14.20 -23.52
N ASN B 105 16.81 13.93 -23.02
CA ASN B 105 17.89 14.91 -22.99
C ASN B 105 17.50 16.16 -22.21
N GLN B 106 16.80 15.96 -21.10
CA GLN B 106 16.42 17.06 -20.21
C GLN B 106 17.55 17.30 -19.23
N THR B 107 17.99 18.56 -19.14
CA THR B 107 19.06 18.97 -18.24
C THR B 107 18.65 20.23 -17.50
N GLN B 108 19.23 20.43 -16.32
CA GLN B 108 19.01 21.65 -15.57
C GLN B 108 19.66 22.82 -16.27
N SER B 109 18.86 23.78 -16.71
CA SER B 109 19.40 24.92 -17.44
C SER B 109 18.39 26.05 -17.46
N LYS B 110 18.88 27.25 -17.76
CA LYS B 110 18.02 28.36 -18.10
C LYS B 110 17.48 28.18 -19.51
N CYS B 111 16.23 28.60 -19.70
CA CYS B 111 15.41 28.07 -20.78
C CYS B 111 14.14 28.92 -20.86
N ALA B 112 13.30 28.62 -21.85
CA ALA B 112 12.13 29.42 -22.16
C ALA B 112 10.85 28.66 -21.85
N GLU B 113 9.81 29.39 -21.48
CA GLU B 113 8.52 28.81 -21.15
C GLU B 113 7.73 28.51 -22.42
N ASN B 114 6.64 27.76 -22.24
CA ASN B 114 5.69 27.51 -23.31
C ASN B 114 4.76 28.70 -23.48
N PRO B 115 4.20 28.89 -24.68
CA PRO B 115 3.25 29.99 -24.88
C PRO B 115 2.05 29.86 -23.95
N THR B 116 1.62 31.00 -23.42
CA THR B 116 0.48 31.07 -22.52
C THR B 116 0.06 32.52 -22.34
N PRO B 117 -1.24 32.82 -22.42
CA PRO B 117 -1.68 34.22 -22.21
C PRO B 117 -1.29 34.77 -20.85
N ALA B 118 -1.22 33.92 -19.83
CA ALA B 118 -0.85 34.36 -18.48
C ALA B 118 0.65 34.43 -18.27
N SER B 119 1.46 34.05 -19.27
CA SER B 119 2.91 34.12 -19.15
C SER B 119 3.55 34.78 -20.36
N THR B 120 2.77 35.49 -21.17
CA THR B 120 3.32 36.15 -22.35
C THR B 120 4.11 37.39 -21.93
N CYS B 121 5.29 37.56 -22.52
CA CYS B 121 6.19 38.65 -22.16
C CYS B 121 5.98 39.84 -23.09
N THR B 122 5.59 40.98 -22.51
CA THR B 122 5.51 42.23 -23.25
C THR B 122 6.82 43.00 -23.19
N SER B 123 7.49 42.97 -22.05
CA SER B 123 8.77 43.64 -21.86
C SER B 123 9.45 42.99 -20.66
N HIS B 124 10.69 43.40 -20.40
CA HIS B 124 11.43 42.85 -19.27
C HIS B 124 10.74 43.13 -17.94
N ARG B 125 10.04 44.25 -17.83
CA ARG B 125 9.33 44.58 -16.61
C ARG B 125 8.08 43.74 -16.42
N ASP B 126 7.60 43.08 -17.48
CA ASP B 126 6.40 42.26 -17.36
C ASP B 126 6.65 41.03 -16.48
N CYS B 127 7.75 40.32 -16.74
CA CYS B 127 8.08 39.14 -15.96
C CYS B 127 8.74 39.54 -14.65
N LYS B 128 8.34 38.88 -13.57
CA LYS B 128 8.87 39.15 -12.24
C LYS B 128 9.83 38.05 -11.84
N ARG B 129 11.02 38.44 -11.40
CA ARG B 129 12.03 37.46 -10.99
C ARG B 129 11.65 36.82 -9.66
N GLY B 130 11.90 35.51 -9.55
CA GLY B 130 11.64 34.79 -8.33
C GLY B 130 10.20 34.40 -8.10
N PHE B 131 9.31 34.67 -9.04
CA PHE B 131 7.90 34.34 -8.89
C PHE B 131 7.68 32.89 -9.29
N ASN B 132 7.37 32.04 -8.32
CA ASN B 132 7.09 30.64 -8.59
C ASN B 132 5.66 30.49 -9.12
N ASP B 133 5.53 29.72 -10.21
CA ASP B 133 4.23 29.54 -10.85
C ASP B 133 3.62 28.20 -10.47
N ALA B 134 2.30 28.13 -10.60
CA ALA B 134 1.56 26.90 -10.35
C ALA B 134 1.34 26.08 -11.63
N ARG B 135 1.81 26.56 -12.78
CA ARG B 135 1.64 25.85 -14.03
C ARG B 135 2.63 24.70 -14.20
N GLY B 136 3.68 24.64 -13.39
CA GLY B 136 4.64 23.56 -13.45
C GLY B 136 5.84 23.80 -14.34
N ASP B 137 6.07 25.02 -14.80
CA ASP B 137 7.22 25.30 -15.63
C ASP B 137 8.49 25.48 -14.78
N GLY B 138 8.48 26.48 -13.91
CA GLY B 138 9.62 26.72 -13.05
C GLY B 138 9.59 28.12 -12.50
N VAL B 139 10.60 28.44 -11.70
CA VAL B 139 10.70 29.76 -11.11
C VAL B 139 11.06 30.77 -12.20
N ARG B 140 10.40 31.92 -12.18
CA ARG B 140 10.60 32.94 -13.19
C ARG B 140 11.77 33.84 -12.85
N THR B 141 12.37 34.42 -13.89
CA THR B 141 13.45 35.37 -13.78
C THR B 141 13.01 36.71 -14.36
N GLY B 142 13.80 37.75 -14.08
CA GLY B 142 13.44 39.08 -14.56
C GLY B 142 13.43 39.17 -16.07
N ARG B 143 14.48 38.64 -16.71
CA ARG B 143 14.59 38.70 -18.16
C ARG B 143 13.62 37.72 -18.81
N CYS B 144 13.29 38.00 -20.07
CA CYS B 144 12.47 37.11 -20.86
C CYS B 144 13.05 36.96 -22.25
N VAL B 145 12.80 35.80 -22.86
CA VAL B 145 13.42 35.41 -24.12
C VAL B 145 12.34 35.01 -25.11
N SER B 146 12.71 35.01 -26.39
CA SER B 146 11.78 34.69 -27.47
C SER B 146 11.67 33.19 -27.60
N TYR B 147 10.49 32.65 -27.29
CA TYR B 147 10.24 31.23 -27.51
C TYR B 147 10.32 30.89 -29.00
N SER B 148 9.76 31.77 -29.83
CA SER B 148 9.86 31.62 -31.29
C SER B 148 9.95 33.01 -31.89
N ALA B 149 9.93 33.06 -33.23
CA ALA B 149 9.96 34.35 -33.91
C ALA B 149 8.69 35.14 -33.63
N SER B 150 7.54 34.45 -33.59
CA SER B 150 6.27 35.16 -33.45
C SER B 150 6.06 35.67 -32.03
N VAL B 151 6.37 34.85 -31.02
CA VAL B 151 6.01 35.15 -29.65
C VAL B 151 7.23 35.02 -28.75
N LYS B 152 7.19 35.73 -27.61
CA LYS B 152 8.21 35.67 -26.58
C LYS B 152 7.54 35.44 -25.23
N THR B 153 8.24 34.73 -24.35
CA THR B 153 7.71 34.37 -23.04
C THR B 153 8.77 34.56 -21.98
N CYS B 154 8.35 34.48 -20.71
CA CYS B 154 9.26 34.67 -19.60
C CYS B 154 10.29 33.54 -19.54
N GLU B 155 11.47 33.87 -19.04
CA GLU B 155 12.61 32.96 -19.02
C GLU B 155 12.76 32.34 -17.64
N VAL B 156 12.87 31.00 -17.59
CA VAL B 156 12.90 30.25 -16.35
C VAL B 156 14.03 29.23 -16.38
N LEU B 157 14.42 28.76 -15.21
CA LEU B 157 15.43 27.72 -15.07
C LEU B 157 14.77 26.43 -14.60
N SER B 158 15.00 25.34 -15.34
CA SER B 158 14.33 24.07 -15.07
C SER B 158 14.99 22.99 -15.93
N TRP B 159 14.40 21.80 -15.93
CA TRP B 159 14.79 20.77 -16.88
C TRP B 159 14.31 21.15 -18.26
N CYS B 160 15.21 21.14 -19.23
CA CYS B 160 14.83 21.45 -20.60
C CYS B 160 15.48 20.47 -21.56
N PRO B 161 14.83 20.20 -22.71
CA PRO B 161 13.60 20.80 -23.23
C PRO B 161 12.33 20.38 -22.49
N LEU B 162 11.32 21.26 -22.46
CA LEU B 162 10.09 20.99 -21.71
C LEU B 162 9.27 19.89 -22.37
N GLU B 163 8.34 19.34 -21.58
CA GLU B 163 7.37 18.38 -22.08
C GLU B 163 6.33 19.10 -22.92
N LYS B 164 6.30 18.81 -24.21
CA LYS B 164 5.35 19.46 -25.10
C LYS B 164 3.92 19.11 -24.69
N ILE B 165 3.03 20.08 -24.84
CA ILE B 165 1.62 19.85 -24.55
C ILE B 165 0.98 19.18 -25.75
N VAL B 166 1.01 17.85 -25.76
CA VAL B 166 0.54 17.06 -26.89
C VAL B 166 -0.45 16.02 -26.37
N ASP B 167 -1.55 15.85 -27.10
CA ASP B 167 -2.52 14.82 -26.73
C ASP B 167 -1.88 13.45 -26.85
N PRO B 168 -2.24 12.51 -25.97
CA PRO B 168 -1.68 11.16 -26.03
C PRO B 168 -2.02 10.49 -27.34
N PRO B 169 -1.12 9.66 -27.87
CA PRO B 169 -1.39 8.99 -29.14
C PRO B 169 -2.62 8.08 -29.06
N ASN B 170 -3.34 8.00 -30.18
CA ASN B 170 -4.51 7.15 -30.30
C ASN B 170 -4.39 6.41 -31.63
N PRO B 171 -4.43 5.07 -31.64
CA PRO B 171 -4.65 4.12 -30.53
C PRO B 171 -3.49 4.10 -29.54
N PRO B 172 -3.70 3.56 -28.33
CA PRO B 172 -2.62 3.53 -27.34
C PRO B 172 -1.45 2.68 -27.82
N LEU B 173 -0.26 3.04 -27.33
CA LEU B 173 0.95 2.33 -27.71
C LEU B 173 0.92 0.87 -27.27
N LEU B 174 0.47 0.62 -26.04
CA LEU B 174 0.36 -0.75 -25.52
C LEU B 174 -1.09 -1.21 -25.56
N ALA B 175 -1.62 -1.32 -26.77
CA ALA B 175 -2.92 -1.95 -26.91
C ALA B 175 -2.89 -3.43 -26.50
N ASP B 176 -1.84 -4.20 -26.84
CA ASP B 176 -1.73 -5.65 -26.57
C ASP B 176 -1.89 -5.98 -25.11
N ALA B 177 -1.87 -4.96 -24.26
CA ALA B 177 -2.21 -5.06 -22.85
C ALA B 177 -3.62 -5.56 -22.61
N GLU B 178 -4.42 -5.67 -23.67
CA GLU B 178 -5.75 -6.27 -23.58
C GLU B 178 -5.67 -7.77 -23.33
N ASN B 179 -4.58 -8.39 -23.77
CA ASN B 179 -4.40 -9.84 -23.70
C ASN B 179 -3.54 -10.26 -22.53
N PHE B 180 -3.19 -9.36 -21.62
CA PHE B 180 -2.42 -9.75 -20.47
C PHE B 180 -3.28 -10.57 -19.52
N THR B 181 -2.60 -11.34 -18.67
CA THR B 181 -3.28 -12.13 -17.63
C THR B 181 -2.75 -11.72 -16.27
N VAL B 182 -3.62 -11.83 -15.27
CA VAL B 182 -3.28 -11.53 -13.88
C VAL B 182 -3.77 -12.67 -12.99
N LEU B 183 -2.89 -13.19 -12.14
CA LEU B 183 -3.22 -14.22 -11.17
C LEU B 183 -3.35 -13.58 -9.80
N ILE B 184 -4.48 -13.83 -9.14
CA ILE B 184 -4.82 -13.23 -7.85
C ILE B 184 -4.97 -14.34 -6.83
N LYS B 185 -4.17 -14.27 -5.76
CA LYS B 185 -4.25 -15.23 -4.65
C LYS B 185 -4.61 -14.48 -3.38
N ASN B 186 -5.72 -14.87 -2.76
CA ASN B 186 -6.26 -14.18 -1.60
C ASN B 186 -6.36 -15.13 -0.43
N ASN B 187 -5.78 -14.73 0.70
CA ASN B 187 -5.81 -15.53 1.92
C ASN B 187 -6.54 -14.74 3.00
N ILE B 188 -7.61 -15.32 3.53
CA ILE B 188 -8.49 -14.65 4.49
C ILE B 188 -8.43 -15.39 5.82
N ARG B 189 -8.70 -14.64 6.88
CA ARG B 189 -8.79 -15.20 8.22
C ARG B 189 -9.87 -14.46 9.00
N TYR B 190 -10.66 -15.24 9.74
CA TYR B 190 -11.59 -14.73 10.73
C TYR B 190 -11.00 -15.01 12.10
N PRO B 191 -10.59 -13.98 12.85
CA PRO B 191 -9.85 -14.25 14.10
C PRO B 191 -10.70 -14.86 15.20
N LYS B 192 -11.91 -14.36 15.42
CA LYS B 192 -12.73 -14.85 16.54
C LYS B 192 -13.03 -16.33 16.40
N PHE B 193 -13.34 -16.77 15.18
CA PHE B 193 -13.67 -18.16 14.92
C PHE B 193 -12.45 -19.00 14.63
N ASN B 194 -11.27 -18.37 14.52
CA ASN B 194 -10.02 -19.05 14.17
C ASN B 194 -10.16 -19.78 12.84
N PHE B 195 -10.55 -19.03 11.82
CA PHE B 195 -10.79 -19.58 10.49
C PHE B 195 -9.77 -19.03 9.51
N ASN B 196 -9.20 -19.91 8.69
CA ASN B 196 -8.28 -19.52 7.63
C ASN B 196 -8.73 -20.16 6.32
N LYS B 197 -8.74 -19.36 5.26
CA LYS B 197 -9.21 -19.85 3.97
C LYS B 197 -8.38 -19.24 2.87
N ARG B 198 -8.33 -19.93 1.72
CA ARG B 198 -7.68 -19.43 0.53
C ARG B 198 -8.67 -19.45 -0.63
N ASN B 199 -8.44 -18.58 -1.62
CA ASN B 199 -9.34 -18.51 -2.76
C ASN B 199 -9.11 -19.62 -3.77
N ILE B 200 -8.07 -20.43 -3.60
CA ILE B 200 -7.81 -21.56 -4.47
C ILE B 200 -8.39 -22.80 -3.79
N LEU B 201 -9.46 -23.33 -4.37
CA LEU B 201 -10.18 -24.44 -3.77
C LEU B 201 -9.33 -25.71 -3.77
N PRO B 202 -9.47 -26.55 -2.75
CA PRO B 202 -8.67 -27.79 -2.70
C PRO B 202 -9.02 -28.78 -3.79
N ASN B 203 -10.19 -28.65 -4.41
CA ASN B 203 -10.56 -29.53 -5.51
C ASN B 203 -9.81 -29.22 -6.80
N ILE B 204 -9.07 -28.13 -6.86
CA ILE B 204 -8.40 -27.69 -8.07
C ILE B 204 -6.97 -28.23 -8.07
N ASN B 205 -6.59 -28.89 -9.16
CA ASN B 205 -5.25 -29.45 -9.30
C ASN B 205 -4.34 -28.48 -10.04
N SER B 206 -3.03 -28.67 -9.86
CA SER B 206 -2.06 -27.76 -10.46
C SER B 206 -2.04 -27.86 -11.99
N SER B 207 -2.33 -29.04 -12.54
CA SER B 207 -2.31 -29.20 -13.99
C SER B 207 -3.34 -28.30 -14.65
N TYR B 208 -4.52 -28.17 -14.05
CA TYR B 208 -5.53 -27.26 -14.57
C TYR B 208 -5.15 -25.80 -14.37
N LEU B 209 -4.44 -25.49 -13.29
CA LEU B 209 -4.04 -24.11 -13.03
C LEU B 209 -2.91 -23.66 -13.95
N THR B 210 -2.12 -24.60 -14.47
CA THR B 210 -1.05 -24.21 -15.39
C THR B 210 -1.59 -23.58 -16.66
N HIS B 211 -2.64 -24.16 -17.23
CA HIS B 211 -3.29 -23.65 -18.44
C HIS B 211 -4.75 -23.43 -18.11
N CYS B 212 -5.08 -22.19 -17.73
CA CYS B 212 -6.35 -21.84 -17.13
C CYS B 212 -6.69 -20.40 -17.50
N VAL B 213 -7.99 -20.09 -17.52
CA VAL B 213 -8.42 -18.70 -17.70
C VAL B 213 -9.79 -18.58 -17.08
N PHE B 214 -10.14 -17.37 -16.66
CA PHE B 214 -11.40 -17.15 -15.96
C PHE B 214 -12.52 -16.90 -16.97
N SER B 215 -13.55 -17.73 -16.92
CA SER B 215 -14.77 -17.54 -17.69
C SER B 215 -15.95 -17.68 -16.74
N ARG B 216 -16.85 -16.69 -16.79
CA ARG B 216 -17.95 -16.66 -15.83
C ARG B 216 -18.84 -17.88 -15.99
N LYS B 217 -19.02 -18.36 -17.21
CA LYS B 217 -19.92 -19.47 -17.48
C LYS B 217 -19.22 -20.82 -17.47
N THR B 218 -17.93 -20.86 -17.77
CA THR B 218 -17.21 -22.12 -17.92
C THR B 218 -16.26 -22.41 -16.77
N ASP B 219 -15.45 -21.44 -16.35
CA ASP B 219 -14.41 -21.66 -15.36
C ASP B 219 -14.55 -20.64 -14.23
N PRO B 220 -15.55 -20.82 -13.36
CA PRO B 220 -15.76 -19.84 -12.28
C PRO B 220 -14.71 -19.92 -11.19
N ASP B 221 -14.04 -21.05 -11.03
CA ASP B 221 -13.04 -21.20 -9.99
C ASP B 221 -11.64 -20.85 -10.43
N CYS B 222 -11.43 -20.49 -11.69
CA CYS B 222 -10.08 -20.09 -12.07
C CYS B 222 -9.79 -18.70 -11.53
N PRO B 223 -8.67 -18.50 -10.84
CA PRO B 223 -8.28 -17.16 -10.38
C PRO B 223 -7.40 -16.40 -11.36
N ILE B 224 -7.25 -16.88 -12.59
CA ILE B 224 -6.39 -16.25 -13.59
C ILE B 224 -7.31 -15.42 -14.49
N PHE B 225 -7.37 -14.12 -14.24
CA PHE B 225 -8.25 -13.23 -14.98
C PHE B 225 -7.50 -12.61 -16.16
N ARG B 226 -8.26 -12.11 -17.12
CA ARG B 226 -7.73 -11.37 -18.24
C ARG B 226 -8.14 -9.91 -18.11
N LEU B 227 -7.19 -9.00 -18.36
CA LEU B 227 -7.47 -7.57 -18.18
C LEU B 227 -8.59 -7.11 -19.10
N GLY B 228 -8.57 -7.56 -20.35
CA GLY B 228 -9.66 -7.23 -21.26
C GLY B 228 -11.00 -7.71 -20.75
N ASP B 229 -11.04 -8.92 -20.19
CA ASP B 229 -12.29 -9.43 -19.62
C ASP B 229 -12.72 -8.62 -18.40
N ILE B 230 -11.77 -8.23 -17.54
CA ILE B 230 -12.12 -7.45 -16.37
C ILE B 230 -12.74 -6.12 -16.78
N VAL B 231 -12.16 -5.47 -17.80
CA VAL B 231 -12.71 -4.20 -18.25
C VAL B 231 -14.06 -4.41 -18.94
N GLY B 232 -14.20 -5.49 -19.70
CA GLY B 232 -15.46 -5.74 -20.39
C GLY B 232 -16.60 -6.05 -19.44
N GLU B 233 -16.31 -6.73 -18.32
CA GLU B 233 -17.34 -7.04 -17.33
C GLU B 233 -17.95 -5.80 -16.71
N ALA B 234 -17.30 -4.65 -16.83
CA ALA B 234 -17.85 -3.38 -16.37
C ALA B 234 -18.55 -2.61 -17.48
N GLU B 235 -18.82 -3.26 -18.62
CA GLU B 235 -19.52 -2.65 -19.75
C GLU B 235 -18.75 -1.46 -20.32
N GLU B 236 -17.45 -1.66 -20.56
CA GLU B 236 -16.61 -0.64 -21.14
C GLU B 236 -15.67 -1.27 -22.17
N ASP B 237 -15.11 -0.42 -23.01
CA ASP B 237 -14.15 -0.85 -24.03
C ASP B 237 -12.74 -0.58 -23.52
N PHE B 238 -11.84 -1.54 -23.75
CA PHE B 238 -10.50 -1.43 -23.20
C PHE B 238 -9.71 -0.32 -23.86
N GLN B 239 -9.80 -0.19 -25.19
CA GLN B 239 -8.97 0.76 -25.92
C GLN B 239 -9.28 2.20 -25.51
N ILE B 240 -10.56 2.54 -25.42
CA ILE B 240 -10.95 3.89 -25.06
C ILE B 240 -10.46 4.23 -23.66
N MET B 241 -10.60 3.30 -22.73
CA MET B 241 -10.11 3.53 -21.37
C MET B 241 -8.60 3.68 -21.35
N ALA B 242 -7.88 2.85 -22.09
CA ALA B 242 -6.42 2.87 -22.07
C ALA B 242 -5.81 4.04 -22.82
N VAL B 243 -6.59 4.72 -23.67
CA VAL B 243 -6.08 5.94 -24.31
C VAL B 243 -5.65 6.96 -23.26
N ARG B 244 -6.47 7.14 -22.22
CA ARG B 244 -6.20 8.12 -21.19
C ARG B 244 -6.06 7.50 -19.80
N GLY B 245 -6.22 6.19 -19.67
CA GLY B 245 -6.14 5.54 -18.39
C GLY B 245 -7.45 5.60 -17.62
N GLY B 246 -7.45 4.92 -16.48
CA GLY B 246 -8.59 4.91 -15.59
C GLY B 246 -8.27 4.03 -14.40
N VAL B 247 -9.23 3.92 -13.49
CA VAL B 247 -9.08 3.09 -12.30
C VAL B 247 -10.14 2.01 -12.33
N MET B 248 -9.73 0.77 -12.12
CA MET B 248 -10.64 -0.36 -12.03
C MET B 248 -10.50 -1.00 -10.66
N GLY B 249 -11.57 -1.65 -10.22
CA GLY B 249 -11.58 -2.26 -8.91
C GLY B 249 -12.17 -3.64 -8.91
N VAL B 250 -11.41 -4.60 -8.37
CA VAL B 250 -11.83 -5.99 -8.25
C VAL B 250 -12.27 -6.21 -6.81
N GLN B 251 -13.55 -6.51 -6.62
CA GLN B 251 -14.12 -6.72 -5.30
C GLN B 251 -14.36 -8.21 -5.07
N ILE B 252 -13.80 -8.73 -3.99
CA ILE B 252 -13.93 -10.13 -3.61
C ILE B 252 -14.77 -10.16 -2.34
N ARG B 253 -15.89 -10.87 -2.37
CA ARG B 253 -16.79 -10.94 -1.22
C ARG B 253 -16.72 -12.33 -0.60
N TRP B 254 -16.40 -12.37 0.70
CA TRP B 254 -16.32 -13.59 1.48
C TRP B 254 -17.46 -13.55 2.50
N ASP B 255 -18.65 -13.96 2.08
CA ASP B 255 -19.79 -14.05 2.97
C ASP B 255 -20.01 -15.53 3.26
N CYS B 256 -19.47 -16.00 4.37
CA CYS B 256 -19.43 -17.41 4.70
C CYS B 256 -20.18 -17.66 5.99
N ASP B 257 -21.05 -18.67 5.98
CA ASP B 257 -21.79 -19.11 7.15
C ASP B 257 -21.08 -20.32 7.72
N LEU B 258 -20.45 -20.15 8.88
CA LEU B 258 -19.63 -21.22 9.45
C LEU B 258 -20.47 -22.33 10.05
N ASP B 259 -21.76 -22.09 10.30
CA ASP B 259 -22.65 -23.18 10.71
C ASP B 259 -22.81 -24.21 9.60
N MET B 260 -22.90 -23.75 8.35
CA MET B 260 -22.90 -24.64 7.21
C MET B 260 -21.51 -25.24 7.03
N PRO B 261 -21.40 -26.35 6.31
CA PRO B 261 -20.07 -26.97 6.08
C PRO B 261 -19.08 -25.99 5.47
N GLN B 262 -17.80 -26.32 5.64
CA GLN B 262 -16.73 -25.42 5.21
C GLN B 262 -16.72 -25.24 3.70
N SER B 263 -17.07 -26.28 2.94
CA SER B 263 -16.99 -26.20 1.48
C SER B 263 -17.95 -25.17 0.90
N TRP B 264 -18.94 -24.72 1.66
CA TRP B 264 -19.86 -23.70 1.19
C TRP B 264 -19.27 -22.30 1.24
N CYS B 265 -18.07 -22.15 1.79
CA CYS B 265 -17.40 -20.86 1.90
C CYS B 265 -16.62 -20.62 0.61
N VAL B 266 -17.16 -19.76 -0.26
CA VAL B 266 -16.51 -19.42 -1.52
C VAL B 266 -16.55 -17.92 -1.72
N PRO B 267 -15.61 -17.34 -2.46
CA PRO B 267 -15.63 -15.90 -2.74
C PRO B 267 -16.41 -15.56 -4.00
N ARG B 268 -16.87 -14.32 -4.05
CA ARG B 268 -17.63 -13.79 -5.19
C ARG B 268 -16.90 -12.59 -5.78
N TYR B 269 -16.67 -12.61 -7.09
CA TYR B 269 -15.88 -11.60 -7.77
C TYR B 269 -16.78 -10.62 -8.51
N THR B 270 -16.54 -9.33 -8.30
CA THR B 270 -17.24 -8.26 -9.00
C THR B 270 -16.22 -7.25 -9.49
N PHE B 271 -16.53 -6.56 -10.57
CA PHE B 271 -15.60 -5.60 -11.16
C PHE B 271 -16.33 -4.28 -11.37
N ARG B 272 -15.69 -3.18 -10.96
CA ARG B 272 -16.35 -1.89 -11.02
C ARG B 272 -15.35 -0.80 -11.37
N ARG B 273 -15.77 0.14 -12.22
CA ARG B 273 -14.96 1.31 -12.46
C ARG B 273 -15.04 2.25 -11.26
N LEU B 274 -13.92 2.94 -10.99
CA LEU B 274 -13.81 3.75 -9.79
C LEU B 274 -13.56 5.22 -10.06
N ASP B 275 -13.41 5.64 -11.32
CA ASP B 275 -13.16 7.03 -11.64
C ASP B 275 -14.30 7.61 -12.47
N ASN B 276 -14.55 8.90 -12.28
CA ASN B 276 -15.62 9.57 -12.98
C ASN B 276 -15.31 9.69 -14.48
N LYS B 277 -16.37 9.58 -15.28
CA LYS B 277 -16.24 9.76 -16.73
C LYS B 277 -16.85 11.05 -17.24
N ASP B 278 -17.68 11.72 -16.44
CA ASP B 278 -18.30 12.96 -16.87
C ASP B 278 -17.24 14.05 -16.97
N PRO B 279 -17.07 14.68 -18.14
CA PRO B 279 -16.04 15.72 -18.28
C PRO B 279 -16.41 17.05 -17.66
N ASP B 280 -17.60 17.18 -17.08
CA ASP B 280 -18.06 18.44 -16.52
C ASP B 280 -17.85 18.54 -15.02
N ASN B 281 -17.83 17.42 -14.31
CA ASN B 281 -17.76 17.42 -12.85
C ASN B 281 -16.38 17.11 -12.30
N ASN B 282 -15.65 16.16 -12.91
CA ASN B 282 -14.37 15.77 -12.37
C ASN B 282 -13.25 16.68 -12.89
N VAL B 283 -12.09 16.56 -12.27
CA VAL B 283 -10.89 17.28 -12.67
C VAL B 283 -9.78 16.26 -12.90
N ALA B 284 -8.97 16.49 -13.94
CA ALA B 284 -7.90 15.58 -14.35
C ALA B 284 -8.48 14.21 -14.69
N PRO B 285 -9.18 14.07 -15.81
CA PRO B 285 -9.79 12.79 -16.15
C PRO B 285 -8.75 11.70 -16.39
N GLY B 286 -9.15 10.46 -16.15
CA GLY B 286 -8.26 9.35 -16.34
C GLY B 286 -7.28 9.21 -15.19
N TYR B 287 -6.23 8.42 -15.43
CA TYR B 287 -5.20 8.17 -14.42
C TYR B 287 -3.85 8.19 -15.09
N ASN B 288 -3.03 9.19 -14.78
CA ASN B 288 -1.69 9.31 -15.32
C ASN B 288 -0.77 9.87 -14.25
N PHE B 289 0.54 9.60 -14.41
CA PHE B 289 1.53 10.17 -13.52
C PHE B 289 2.87 10.23 -14.23
N ARG B 290 3.79 11.02 -13.69
CA ARG B 290 5.10 11.24 -14.30
C ARG B 290 6.20 10.60 -13.47
N PHE B 291 7.18 10.02 -14.16
CA PHE B 291 8.37 9.48 -13.52
C PHE B 291 9.56 9.79 -14.42
N ALA B 292 10.76 9.42 -13.97
CA ALA B 292 11.96 9.86 -14.64
C ALA B 292 13.06 8.80 -14.57
N LYS B 293 13.98 8.88 -15.53
CA LYS B 293 15.20 8.10 -15.53
C LYS B 293 16.38 9.06 -15.54
N TYR B 294 17.39 8.76 -14.73
CA TYR B 294 18.56 9.62 -14.58
C TYR B 294 19.79 8.93 -15.15
N TYR B 295 20.59 9.68 -15.90
CA TYR B 295 21.81 9.18 -16.50
C TYR B 295 22.95 10.15 -16.24
N LYS B 296 24.17 9.63 -16.17
CA LYS B 296 25.36 10.42 -15.99
C LYS B 296 26.28 10.22 -17.18
N ASN B 297 26.71 11.33 -17.79
CA ASN B 297 27.58 11.27 -18.95
C ASN B 297 29.05 11.14 -18.50
N SER B 298 29.95 11.06 -19.49
CA SER B 298 31.37 10.90 -19.18
C SER B 298 31.93 12.10 -18.44
N ASP B 299 31.53 13.31 -18.87
CA ASP B 299 32.01 14.53 -18.23
C ASP B 299 31.36 14.77 -16.87
N GLY B 300 30.37 13.97 -16.49
CA GLY B 300 29.76 14.07 -15.18
C GLY B 300 28.43 14.77 -15.14
N THR B 301 28.03 15.42 -16.23
CA THR B 301 26.74 16.11 -16.24
C THR B 301 25.60 15.10 -16.15
N GLU B 302 24.49 15.53 -15.57
CA GLU B 302 23.33 14.68 -15.34
C GLU B 302 22.23 14.99 -16.35
N THR B 303 21.67 13.94 -16.93
CA THR B 303 20.59 14.05 -17.89
C THR B 303 19.39 13.25 -17.40
N ARG B 304 18.20 13.70 -17.78
CA ARG B 304 16.96 13.08 -17.33
C ARG B 304 16.07 12.78 -18.52
N THR B 305 15.36 11.65 -18.45
CA THR B 305 14.34 11.28 -19.41
C THR B 305 13.02 11.17 -18.65
N LEU B 306 12.09 12.06 -18.96
CA LEU B 306 10.82 12.16 -18.24
C LEU B 306 9.72 11.48 -19.02
N ILE B 307 9.04 10.54 -18.38
CA ILE B 307 7.94 9.80 -19.00
C ILE B 307 6.67 10.13 -18.23
N LYS B 308 5.67 10.65 -18.94
CA LYS B 308 4.32 10.77 -18.41
C LYS B 308 3.52 9.58 -18.91
N GLY B 309 3.12 8.72 -17.98
CA GLY B 309 2.46 7.47 -18.31
C GLY B 309 0.98 7.49 -17.95
N TYR B 310 0.18 7.04 -18.90
CA TYR B 310 -1.25 6.82 -18.73
C TYR B 310 -1.48 5.32 -18.66
N GLY B 311 -2.17 4.87 -17.61
CA GLY B 311 -2.43 3.46 -17.50
C GLY B 311 -3.64 3.20 -16.62
N ILE B 312 -4.03 1.94 -16.57
CA ILE B 312 -5.20 1.49 -15.82
C ILE B 312 -4.73 0.87 -14.53
N ARG B 313 -5.19 1.40 -13.41
CA ARG B 313 -4.79 0.94 -12.09
C ARG B 313 -5.88 0.04 -11.52
N PHE B 314 -5.51 -1.21 -11.20
CA PHE B 314 -6.45 -2.18 -10.67
C PHE B 314 -6.26 -2.27 -9.16
N ASP B 315 -7.34 -2.08 -8.41
CA ASP B 315 -7.33 -2.19 -6.96
C ASP B 315 -8.11 -3.41 -6.54
N VAL B 316 -7.52 -4.24 -5.68
CA VAL B 316 -8.19 -5.41 -5.13
C VAL B 316 -8.79 -5.04 -3.79
N MET B 317 -10.11 -5.13 -3.69
CA MET B 317 -10.86 -4.74 -2.49
C MET B 317 -11.57 -5.98 -1.95
N VAL B 318 -11.10 -6.47 -0.81
CA VAL B 318 -11.60 -7.69 -0.20
C VAL B 318 -12.44 -7.33 1.02
N PHE B 319 -13.66 -7.85 1.08
CA PHE B 319 -14.53 -7.59 2.22
C PHE B 319 -15.40 -8.81 2.47
N GLY B 320 -15.89 -8.91 3.71
CA GLY B 320 -16.75 -10.02 4.06
C GLY B 320 -17.15 -9.97 5.51
N GLN B 321 -17.95 -10.96 5.89
CA GLN B 321 -18.43 -11.11 7.25
C GLN B 321 -18.88 -12.55 7.44
N ALA B 322 -18.54 -13.13 8.59
CA ALA B 322 -18.86 -14.51 8.87
C ALA B 322 -19.65 -14.59 10.16
N GLY B 323 -20.48 -15.62 10.28
CA GLY B 323 -21.31 -15.79 11.45
C GLY B 323 -21.31 -17.23 11.93
N LYS B 324 -21.42 -17.39 13.24
CA LYS B 324 -21.49 -18.71 13.84
C LYS B 324 -22.54 -18.73 14.94
N PHE B 325 -23.07 -19.92 15.21
CA PHE B 325 -24.17 -20.06 16.15
C PHE B 325 -23.76 -19.60 17.55
N ASN B 326 -24.71 -19.02 18.27
CA ASN B 326 -24.48 -18.62 19.66
C ASN B 326 -25.76 -18.81 20.45
N ILE B 327 -25.62 -18.90 21.76
CA ILE B 327 -26.73 -19.15 22.67
C ILE B 327 -27.32 -17.86 23.22
N ILE B 328 -26.47 -16.97 23.72
CA ILE B 328 -26.97 -15.74 24.35
C ILE B 328 -27.76 -14.88 23.37
N PRO B 329 -27.27 -14.56 22.16
CA PRO B 329 -28.10 -13.77 21.23
C PRO B 329 -29.42 -14.46 20.90
N THR B 330 -29.42 -15.78 20.78
CA THR B 330 -30.66 -16.49 20.50
C THR B 330 -31.67 -16.28 21.62
N LEU B 331 -31.24 -16.40 22.87
CA LEU B 331 -32.15 -16.23 24.00
C LEU B 331 -32.67 -14.80 24.07
N LEU B 332 -31.79 -13.82 23.83
CA LEU B 332 -32.25 -12.43 23.84
C LEU B 332 -33.27 -12.16 22.74
N ASN B 333 -33.05 -12.70 21.55
CA ASN B 333 -34.01 -12.52 20.47
C ASN B 333 -35.32 -13.22 20.77
N ILE B 334 -35.26 -14.41 21.37
CA ILE B 334 -36.50 -15.10 21.74
C ILE B 334 -37.28 -14.29 22.77
N GLY B 335 -36.57 -13.73 23.75
CA GLY B 335 -37.25 -12.88 24.72
C GLY B 335 -37.89 -11.65 24.10
N ALA B 336 -37.16 -10.98 23.21
CA ALA B 336 -37.72 -9.80 22.54
C ALA B 336 -38.92 -10.17 21.68
N GLY B 337 -38.86 -11.32 21.01
CA GLY B 337 -40.00 -11.78 20.24
C GLY B 337 -41.21 -12.08 21.12
N LEU B 338 -40.98 -12.66 22.30
CA LEU B 338 -42.08 -12.90 23.22
C LEU B 338 -42.67 -11.59 23.73
N ALA B 339 -41.82 -10.59 23.98
CA ALA B 339 -42.33 -9.28 24.37
C ALA B 339 -43.16 -8.66 23.26
N LEU B 340 -42.72 -8.81 22.00
CA LEU B 340 -43.51 -8.31 20.89
C LEU B 340 -44.83 -9.06 20.76
N LEU B 341 -44.82 -10.37 21.04
CA LEU B 341 -46.05 -11.14 21.06
C LEU B 341 -47.01 -10.63 22.13
N GLY B 342 -46.49 -10.32 23.31
CA GLY B 342 -47.31 -9.73 24.34
C GLY B 342 -47.90 -8.39 23.91
N LEU B 343 -47.07 -7.56 23.26
CA LEU B 343 -47.55 -6.27 22.77
C LEU B 343 -48.67 -6.44 21.75
N VAL B 344 -48.50 -7.36 20.80
CA VAL B 344 -49.51 -7.53 19.76
C VAL B 344 -50.78 -8.14 20.36
N ASN B 345 -50.64 -9.01 21.36
CA ASN B 345 -51.82 -9.54 22.04
C ASN B 345 -52.58 -8.43 22.76
N VAL B 346 -51.85 -7.54 23.43
CA VAL B 346 -52.50 -6.42 24.10
C VAL B 346 -53.20 -5.52 23.09
N ILE B 347 -52.56 -5.27 21.95
CA ILE B 347 -53.16 -4.43 20.92
C ILE B 347 -54.43 -5.06 20.37
N CYS B 348 -54.39 -6.37 20.09
CA CYS B 348 -55.57 -7.05 19.59
C CYS B 348 -56.68 -7.10 20.63
N ASP B 349 -56.34 -7.14 21.92
CA ASP B 349 -57.36 -7.11 22.96
C ASP B 349 -58.14 -5.80 22.92
N TRP B 350 -57.45 -4.68 22.72
CA TRP B 350 -58.10 -3.38 22.65
C TRP B 350 -58.82 -3.21 21.33
N VAL C 34 -32.39 -18.20 37.42
CA VAL C 34 -32.03 -17.60 36.13
C VAL C 34 -31.79 -16.10 36.33
N ILE C 35 -32.33 -15.55 37.43
CA ILE C 35 -32.04 -14.16 37.79
C ILE C 35 -30.53 -13.98 37.95
N ALA C 36 -29.88 -14.91 38.66
CA ALA C 36 -28.44 -14.90 38.75
C ALA C 36 -27.78 -15.15 37.39
N TYR C 37 -28.37 -16.05 36.58
CA TYR C 37 -27.76 -16.46 35.33
C TYR C 37 -27.62 -15.28 34.36
N VAL C 38 -28.65 -14.44 34.27
CA VAL C 38 -28.64 -13.32 33.32
C VAL C 38 -27.46 -12.40 33.62
N ILE C 39 -27.36 -11.96 34.87
CA ILE C 39 -26.29 -11.03 35.24
C ILE C 39 -24.93 -11.73 35.19
N GLY C 40 -24.88 -13.01 35.52
CA GLY C 40 -23.61 -13.72 35.55
C GLY C 40 -23.00 -13.90 34.17
N TYR C 41 -23.82 -14.23 33.18
CA TYR C 41 -23.30 -14.58 31.85
C TYR C 41 -23.63 -13.54 30.79
N VAL C 42 -24.91 -13.18 30.63
CA VAL C 42 -25.31 -12.31 29.54
C VAL C 42 -24.82 -10.88 29.76
N CYS C 43 -24.93 -10.38 30.99
CA CYS C 43 -24.55 -8.99 31.25
C CYS C 43 -23.03 -8.82 31.31
N VAL C 44 -22.31 -9.83 31.78
CA VAL C 44 -20.88 -9.68 32.02
C VAL C 44 -20.06 -10.26 30.88
N TYR C 45 -20.16 -11.57 30.67
CA TYR C 45 -19.26 -12.23 29.72
C TYR C 45 -19.62 -11.94 28.27
N ASN C 46 -20.91 -11.80 27.96
CA ASN C 46 -21.31 -11.51 26.59
C ASN C 46 -20.99 -10.08 26.18
N LYS C 47 -20.58 -9.23 27.12
CA LYS C 47 -20.30 -7.82 26.85
C LYS C 47 -21.49 -7.13 26.21
N GLY C 48 -22.70 -7.43 26.70
CA GLY C 48 -23.89 -6.78 26.19
C GLY C 48 -24.03 -5.34 26.63
N TYR C 49 -23.33 -4.95 27.69
CA TYR C 49 -23.36 -3.59 28.20
C TYR C 49 -22.28 -2.71 27.57
N GLN C 50 -21.73 -3.11 26.43
CA GLN C 50 -20.63 -2.41 25.80
C GLN C 50 -21.08 -1.86 24.45
N ASP C 51 -20.79 -0.59 24.21
CA ASP C 51 -20.83 -0.02 22.87
C ASP C 51 -19.44 -0.18 22.26
N THR C 52 -19.38 -0.75 21.07
CA THR C 52 -18.14 -1.22 20.47
C THR C 52 -17.75 -0.38 19.26
N ASP C 53 -16.44 -0.34 19.02
CA ASP C 53 -15.87 0.40 17.91
C ASP C 53 -14.67 -0.36 17.37
N THR C 54 -14.33 -0.10 16.10
CA THR C 54 -13.20 -0.71 15.44
C THR C 54 -11.97 0.19 15.55
N VAL C 55 -10.86 -0.26 14.98
CA VAL C 55 -9.57 0.42 15.13
C VAL C 55 -9.16 1.04 13.80
N LEU C 56 -8.46 2.17 13.90
CA LEU C 56 -7.87 2.87 12.77
C LEU C 56 -6.37 3.01 13.03
N SER C 57 -5.56 2.31 12.25
CA SER C 57 -4.15 2.13 12.59
C SER C 57 -3.24 2.60 11.47
N SER C 58 -2.03 3.01 11.87
CA SER C 58 -0.93 3.30 10.97
C SER C 58 0.31 2.57 11.45
N VAL C 59 1.11 2.07 10.51
CA VAL C 59 2.28 1.25 10.82
C VAL C 59 3.51 1.83 10.14
N THR C 60 4.63 1.85 10.85
CA THR C 60 5.91 2.29 10.33
C THR C 60 6.96 1.22 10.62
N THR C 61 7.71 0.80 9.60
CA THR C 61 8.71 -0.24 9.75
C THR C 61 10.08 0.25 9.29
N LYS C 62 11.10 -0.07 10.06
CA LYS C 62 12.48 0.26 9.70
C LYS C 62 13.36 -0.97 9.87
N VAL C 63 14.13 -1.30 8.84
CA VAL C 63 14.91 -2.53 8.79
C VAL C 63 16.39 -2.18 8.89
N LYS C 64 17.12 -2.90 9.72
CA LYS C 64 18.56 -2.71 9.86
C LYS C 64 19.27 -4.05 9.78
N GLY C 65 20.41 -4.05 9.10
CA GLY C 65 21.18 -5.25 8.90
C GLY C 65 22.10 -5.11 7.71
N ILE C 66 23.08 -6.00 7.66
CA ILE C 66 24.09 -6.01 6.60
C ILE C 66 24.35 -7.45 6.18
N ALA C 67 24.43 -7.67 4.87
CA ALA C 67 24.63 -9.01 4.32
C ALA C 67 25.92 -9.04 3.51
N LEU C 68 26.50 -10.24 3.39
CA LEU C 68 27.70 -10.44 2.58
C LEU C 68 27.49 -11.59 1.61
N THR C 69 28.05 -11.45 0.41
CA THR C 69 27.99 -12.49 -0.61
C THR C 69 29.40 -12.67 -1.17
N ASN C 70 29.82 -13.94 -1.31
CA ASN C 70 31.15 -14.25 -1.82
C ASN C 70 31.06 -15.32 -2.91
N THR C 71 30.07 -15.18 -3.79
CA THR C 71 29.96 -16.12 -4.90
C THR C 71 31.02 -15.83 -5.95
N SER C 72 31.34 -16.85 -6.74
CA SER C 72 32.36 -16.70 -7.77
C SER C 72 31.86 -15.85 -8.94
N GLU C 73 30.56 -15.91 -9.23
CA GLU C 73 30.02 -15.16 -10.36
C GLU C 73 30.13 -13.65 -10.13
N LEU C 74 29.82 -13.19 -8.91
CA LEU C 74 29.85 -11.76 -8.61
C LEU C 74 31.13 -11.32 -7.91
N GLY C 75 31.83 -12.22 -7.24
CA GLY C 75 33.07 -11.87 -6.58
C GLY C 75 32.95 -11.73 -5.07
N GLU C 76 32.94 -10.49 -4.59
CA GLU C 76 32.82 -10.23 -3.17
C GLU C 76 32.02 -8.93 -3.00
N ARG C 77 30.79 -9.06 -2.48
CA ARG C 77 29.86 -7.94 -2.44
C ARG C 77 29.21 -7.83 -1.07
N ILE C 78 28.86 -6.60 -0.69
CA ILE C 78 28.15 -6.32 0.55
C ILE C 78 26.79 -5.75 0.20
N TRP C 79 25.82 -5.92 1.11
CA TRP C 79 24.46 -5.47 0.91
C TRP C 79 23.96 -4.75 2.15
N ASP C 80 23.47 -3.54 1.97
CA ASP C 80 22.93 -2.72 3.05
C ASP C 80 21.43 -2.50 2.82
N VAL C 81 20.84 -1.67 3.68
CA VAL C 81 19.40 -1.47 3.66
C VAL C 81 18.91 -0.89 2.34
N ALA C 82 19.78 -0.24 1.57
CA ALA C 82 19.36 0.34 0.31
C ALA C 82 19.43 -0.66 -0.85
N ASP C 83 19.88 -1.89 -0.62
CA ASP C 83 20.05 -2.87 -1.68
C ASP C 83 19.02 -3.99 -1.66
N TYR C 84 18.67 -4.51 -0.48
CA TYR C 84 17.83 -5.69 -0.37
C TYR C 84 16.37 -5.38 -0.05
N ILE C 85 15.94 -4.13 -0.18
CA ILE C 85 14.55 -3.75 0.00
C ILE C 85 14.04 -3.12 -1.28
N ILE C 86 13.04 -3.75 -1.89
CA ILE C 86 12.44 -3.26 -3.13
C ILE C 86 10.93 -3.30 -2.98
N PRO C 87 10.22 -2.18 -3.11
CA PRO C 87 10.68 -0.80 -3.34
C PRO C 87 11.25 -0.17 -2.07
N PRO C 88 11.97 0.97 -2.19
CA PRO C 88 12.64 1.52 -1.00
C PRO C 88 11.72 1.85 0.15
N GLN C 89 10.50 2.31 -0.13
CA GLN C 89 9.55 2.67 0.92
C GLN C 89 8.20 2.02 0.62
N GLU C 90 7.87 0.97 1.35
CA GLU C 90 6.57 0.32 1.27
C GLU C 90 6.06 0.04 2.68
N ASP C 91 6.13 1.05 3.55
CA ASP C 91 5.86 0.85 4.97
C ASP C 91 4.48 0.23 5.18
N GLY C 92 4.43 -0.76 6.08
CA GLY C 92 3.28 -1.59 6.28
C GLY C 92 3.39 -2.95 5.64
N SER C 93 4.19 -3.07 4.58
CA SER C 93 4.44 -4.36 3.94
C SER C 93 5.78 -4.26 3.22
N PHE C 94 6.84 -4.76 3.83
CA PHE C 94 8.18 -4.62 3.30
C PHE C 94 8.70 -5.95 2.77
N PHE C 95 9.46 -5.88 1.68
CA PHE C 95 10.02 -7.04 1.01
C PHE C 95 11.52 -7.08 1.25
N VAL C 96 12.04 -8.23 1.68
CA VAL C 96 13.46 -8.40 1.95
C VAL C 96 14.01 -9.42 0.96
N LEU C 97 14.97 -8.99 0.14
CA LEU C 97 15.57 -9.87 -0.85
C LEU C 97 16.43 -10.93 -0.16
N THR C 98 16.33 -12.17 -0.64
CA THR C 98 17.14 -13.24 -0.07
C THR C 98 17.94 -13.97 -1.14
N ASN C 99 17.39 -14.10 -2.34
CA ASN C 99 18.06 -14.84 -3.41
C ASN C 99 17.74 -14.18 -4.74
N MET C 100 18.60 -14.36 -5.73
CA MET C 100 18.39 -13.66 -6.99
C MET C 100 19.06 -14.38 -8.14
N ILE C 101 18.51 -14.13 -9.34
CA ILE C 101 19.10 -14.57 -10.60
C ILE C 101 19.27 -13.34 -11.48
N ILE C 102 20.49 -13.11 -11.95
CA ILE C 102 20.85 -11.88 -12.63
C ILE C 102 21.23 -12.19 -14.07
N THR C 103 20.66 -11.43 -15.01
CA THR C 103 21.05 -11.49 -16.41
C THR C 103 21.52 -10.10 -16.83
N THR C 104 22.68 -10.04 -17.47
CA THR C 104 23.32 -8.78 -17.80
C THR C 104 23.46 -8.63 -19.31
N ASN C 105 23.72 -7.38 -19.73
CA ASN C 105 23.95 -7.04 -21.13
C ASN C 105 22.79 -7.45 -22.02
N GLN C 106 21.57 -7.24 -21.52
CA GLN C 106 20.37 -7.50 -22.30
C GLN C 106 20.04 -6.28 -23.15
N THR C 107 19.84 -6.50 -24.45
CA THR C 107 19.53 -5.43 -25.38
C THR C 107 18.39 -5.88 -26.28
N GLN C 108 17.64 -4.91 -26.80
CA GLN C 108 16.58 -5.19 -27.76
C GLN C 108 17.18 -5.66 -29.07
N SER C 109 16.90 -6.91 -29.45
CA SER C 109 17.47 -7.45 -30.67
C SER C 109 16.69 -8.67 -31.10
N LYS C 110 16.87 -9.03 -32.37
CA LYS C 110 16.43 -10.33 -32.86
C LYS C 110 17.37 -11.42 -32.37
N CYS C 111 16.82 -12.58 -32.07
CA CYS C 111 17.45 -13.51 -31.14
C CYS C 111 16.67 -14.82 -31.21
N ALA C 112 17.15 -15.83 -30.48
CA ALA C 112 16.62 -17.17 -30.53
C ALA C 112 15.94 -17.54 -29.22
N GLU C 113 14.92 -18.40 -29.32
CA GLU C 113 14.17 -18.85 -28.17
C GLU C 113 14.91 -19.97 -27.45
N ASN C 114 14.42 -20.30 -26.25
CA ASN C 114 14.91 -21.44 -25.50
C ASN C 114 14.27 -22.73 -26.02
N PRO C 115 14.94 -23.86 -25.84
CA PRO C 115 14.35 -25.13 -26.27
C PRO C 115 13.03 -25.39 -25.57
N THR C 116 12.08 -25.91 -26.34
CA THR C 116 10.75 -26.24 -25.84
C THR C 116 10.01 -27.09 -26.87
N PRO C 117 9.37 -28.18 -26.45
CA PRO C 117 8.61 -29.00 -27.41
C PRO C 117 7.53 -28.23 -28.13
N ALA C 118 6.93 -27.22 -27.50
CA ALA C 118 5.88 -26.42 -28.11
C ALA C 118 6.43 -25.28 -28.97
N SER C 119 7.75 -25.10 -29.02
CA SER C 119 8.35 -24.04 -29.84
C SER C 119 9.50 -24.56 -30.69
N THR C 120 9.61 -25.88 -30.86
CA THR C 120 10.68 -26.46 -31.66
C THR C 120 10.40 -26.24 -33.14
N CYS C 121 11.42 -25.83 -33.88
CA CYS C 121 11.28 -25.50 -35.29
C CYS C 121 11.63 -26.70 -36.16
N THR C 122 10.66 -27.16 -36.95
CA THR C 122 10.90 -28.19 -37.95
C THR C 122 11.29 -27.60 -39.29
N SER C 123 10.68 -26.49 -39.67
CA SER C 123 10.99 -25.78 -40.90
C SER C 123 10.49 -24.35 -40.76
N HIS C 124 10.78 -23.53 -41.77
CA HIS C 124 10.35 -22.12 -41.73
C HIS C 124 8.84 -22.00 -41.65
N ARG C 125 8.11 -22.94 -42.25
CA ARG C 125 6.65 -22.90 -42.21
C ARG C 125 6.09 -23.29 -40.85
N ASP C 126 6.91 -23.90 -39.99
CA ASP C 126 6.43 -24.31 -38.67
C ASP C 126 6.16 -23.09 -37.79
N CYS C 127 7.10 -22.15 -37.75
CA CYS C 127 6.93 -20.95 -36.93
C CYS C 127 6.05 -19.94 -37.68
N LYS C 128 5.14 -19.32 -36.95
CA LYS C 128 4.23 -18.34 -37.51
C LYS C 128 4.66 -16.94 -37.09
N ARG C 129 4.78 -16.03 -38.06
CA ARG C 129 5.20 -14.67 -37.77
C ARG C 129 4.07 -13.90 -37.07
N GLY C 130 4.45 -13.08 -36.10
CA GLY C 130 3.50 -12.25 -35.40
C GLY C 130 2.70 -12.95 -34.32
N PHE C 131 2.96 -14.22 -34.06
CA PHE C 131 2.22 -14.96 -33.04
C PHE C 131 2.85 -14.68 -31.67
N ASN C 132 2.10 -13.98 -30.83
CA ASN C 132 2.56 -13.68 -29.48
C ASN C 132 2.34 -14.91 -28.59
N ASP C 133 3.36 -15.26 -27.81
CA ASP C 133 3.31 -16.44 -26.97
C ASP C 133 3.05 -16.05 -25.51
N ALA C 134 2.53 -17.00 -24.76
CA ALA C 134 2.28 -16.83 -23.33
C ALA C 134 3.44 -17.32 -22.47
N ARG C 135 4.51 -17.85 -23.08
CA ARG C 135 5.66 -18.34 -22.33
C ARG C 135 6.58 -17.24 -21.86
N GLY C 136 6.44 -16.03 -22.40
CA GLY C 136 7.25 -14.90 -21.97
C GLY C 136 8.51 -14.66 -22.77
N ASP C 137 8.69 -15.32 -23.91
CA ASP C 137 9.87 -15.09 -24.72
C ASP C 137 9.73 -13.83 -25.56
N GLY C 138 8.75 -13.79 -26.44
CA GLY C 138 8.53 -12.63 -27.28
C GLY C 138 7.70 -12.99 -28.48
N VAL C 139 7.44 -11.97 -29.31
CA VAL C 139 6.66 -12.17 -30.52
C VAL C 139 7.48 -12.99 -31.51
N ARG C 140 6.83 -13.96 -32.15
CA ARG C 140 7.50 -14.85 -33.08
C ARG C 140 7.55 -14.24 -34.48
N THR C 141 8.56 -14.67 -35.23
CA THR C 141 8.75 -14.28 -36.62
C THR C 141 8.65 -15.52 -37.51
N GLY C 142 8.55 -15.28 -38.82
CA GLY C 142 8.42 -16.39 -39.75
C GLY C 142 9.65 -17.28 -39.78
N ARG C 143 10.83 -16.68 -39.82
CA ARG C 143 12.07 -17.44 -39.87
C ARG C 143 12.40 -18.03 -38.51
N CYS C 144 13.21 -19.09 -38.52
CA CYS C 144 13.68 -19.69 -37.30
C CYS C 144 15.17 -20.00 -37.43
N VAL C 145 15.87 -19.99 -36.28
CA VAL C 145 17.31 -20.08 -36.23
C VAL C 145 17.71 -21.20 -35.29
N SER C 146 18.95 -21.67 -35.44
CA SER C 146 19.46 -22.76 -34.64
C SER C 146 19.92 -22.23 -33.29
N TYR C 147 19.22 -22.63 -32.22
CA TYR C 147 19.66 -22.28 -30.87
C TYR C 147 21.01 -22.91 -30.57
N SER C 148 21.21 -24.17 -30.97
CA SER C 148 22.50 -24.83 -30.84
C SER C 148 22.68 -25.74 -32.06
N ALA C 149 23.77 -26.51 -32.05
CA ALA C 149 24.01 -27.45 -33.13
C ALA C 149 22.95 -28.55 -33.15
N SER C 150 22.53 -29.02 -31.97
CA SER C 150 21.60 -30.14 -31.92
C SER C 150 20.17 -29.73 -32.29
N VAL C 151 19.72 -28.58 -31.80
CA VAL C 151 18.31 -28.20 -31.92
C VAL C 151 18.21 -26.78 -32.48
N LYS C 152 17.05 -26.51 -33.10
CA LYS C 152 16.72 -25.19 -33.63
C LYS C 152 15.32 -24.80 -33.14
N THR C 153 15.13 -23.50 -32.93
CA THR C 153 13.87 -22.99 -32.39
C THR C 153 13.46 -21.74 -33.16
N CYS C 154 12.22 -21.30 -32.92
CA CYS C 154 11.71 -20.12 -33.61
C CYS C 154 12.46 -18.87 -33.18
N GLU C 155 12.53 -17.90 -34.10
CA GLU C 155 13.33 -16.70 -33.91
C GLU C 155 12.41 -15.54 -33.52
N VAL C 156 12.78 -14.84 -32.44
CA VAL C 156 11.96 -13.78 -31.87
C VAL C 156 12.82 -12.55 -31.58
N LEU C 157 12.15 -11.41 -31.43
CA LEU C 157 12.81 -10.16 -31.07
C LEU C 157 12.43 -9.77 -29.65
N SER C 158 13.44 -9.53 -28.82
CA SER C 158 13.23 -9.28 -27.40
C SER C 158 14.55 -8.81 -26.78
N TRP C 159 14.57 -8.68 -25.47
CA TRP C 159 15.83 -8.46 -24.75
C TRP C 159 16.64 -9.74 -24.76
N CYS C 160 17.89 -9.65 -25.19
CA CYS C 160 18.75 -10.82 -25.20
C CYS C 160 20.13 -10.46 -24.67
N PRO C 161 20.84 -11.43 -24.06
CA PRO C 161 20.50 -12.86 -23.91
C PRO C 161 19.36 -13.13 -22.92
N LEU C 162 18.62 -14.21 -23.13
CA LEU C 162 17.46 -14.53 -22.30
C LEU C 162 17.89 -14.97 -20.91
N GLU C 163 16.92 -14.93 -19.99
CA GLU C 163 17.11 -15.44 -18.64
C GLU C 163 17.11 -16.96 -18.68
N LYS C 164 18.25 -17.57 -18.36
CA LYS C 164 18.34 -19.02 -18.38
C LYS C 164 17.39 -19.63 -17.35
N ILE C 165 16.82 -20.77 -17.71
CA ILE C 165 15.94 -21.49 -16.80
C ILE C 165 16.81 -22.29 -15.84
N VAL C 166 17.18 -21.69 -14.72
CA VAL C 166 18.09 -22.30 -13.75
C VAL C 166 17.45 -22.22 -12.38
N ASP C 167 17.55 -23.32 -11.63
CA ASP C 167 17.04 -23.32 -10.26
C ASP C 167 17.81 -22.31 -9.42
N PRO C 168 17.15 -21.66 -8.47
CA PRO C 168 17.83 -20.69 -7.61
C PRO C 168 18.93 -21.35 -6.80
N PRO C 169 20.03 -20.64 -6.55
CA PRO C 169 21.13 -21.23 -5.79
C PRO C 169 20.69 -21.63 -4.38
N ASN C 170 21.29 -22.71 -3.89
CA ASN C 170 21.03 -23.22 -2.54
C ASN C 170 22.39 -23.55 -1.92
N PRO C 171 22.73 -22.97 -0.76
CA PRO C 171 21.96 -22.07 0.11
C PRO C 171 21.71 -20.70 -0.50
N PRO C 172 20.74 -19.94 0.01
CA PRO C 172 20.47 -18.63 -0.57
C PRO C 172 21.65 -17.68 -0.43
N LEU C 173 21.74 -16.74 -1.38
CA LEU C 173 22.85 -15.79 -1.39
C LEU C 173 22.85 -14.92 -0.14
N LEU C 174 21.68 -14.42 0.26
CA LEU C 174 21.55 -13.59 1.46
C LEU C 174 20.99 -14.41 2.61
N ALA C 175 21.77 -15.41 3.03
CA ALA C 175 21.40 -16.10 4.25
C ALA C 175 21.46 -15.19 5.48
N ASP C 176 22.46 -14.30 5.60
CA ASP C 176 22.68 -13.41 6.76
C ASP C 176 21.46 -12.56 7.07
N ALA C 177 20.50 -12.54 6.15
CA ALA C 177 19.19 -11.94 6.37
C ALA C 177 18.43 -12.58 7.52
N GLU C 178 18.95 -13.66 8.07
CA GLU C 178 18.37 -14.27 9.26
C GLU C 178 18.60 -13.40 10.49
N ASN C 179 19.66 -12.61 10.48
CA ASN C 179 20.07 -11.79 11.62
C ASN C 179 19.64 -10.34 11.48
N PHE C 180 18.82 -10.00 10.48
CA PHE C 180 18.35 -8.64 10.37
C PHE C 180 17.36 -8.33 11.48
N THR C 181 17.18 -7.05 11.76
CA THR C 181 16.21 -6.59 12.73
C THR C 181 15.22 -5.65 12.07
N VAL C 182 13.98 -5.65 12.57
CA VAL C 182 12.93 -4.76 12.09
C VAL C 182 12.25 -4.09 13.29
N LEU C 183 12.12 -2.78 13.23
CA LEU C 183 11.41 -2.00 14.24
C LEU C 183 10.04 -1.62 13.71
N ILE C 184 9.00 -1.92 14.48
CA ILE C 184 7.61 -1.72 14.10
C ILE C 184 6.98 -0.75 15.08
N LYS C 185 6.46 0.36 14.57
CA LYS C 185 5.77 1.36 15.38
C LYS C 185 4.34 1.47 14.88
N ASN C 186 3.37 1.23 15.77
CA ASN C 186 1.97 1.19 15.41
C ASN C 186 1.19 2.21 16.23
N ASN C 187 0.44 3.06 15.54
CA ASN C 187 -0.39 4.08 16.19
C ASN C 187 -1.84 3.80 15.86
N ILE C 188 -2.66 3.62 16.90
CA ILE C 188 -4.06 3.24 16.74
C ILE C 188 -4.94 4.35 17.27
N ARG C 189 -6.16 4.41 16.75
CA ARG C 189 -7.17 5.34 17.21
C ARG C 189 -8.53 4.70 17.11
N TYR C 190 -9.34 4.90 18.17
CA TYR C 190 -10.76 4.58 18.18
C TYR C 190 -11.53 5.88 18.05
N PRO C 191 -12.21 6.12 16.94
CA PRO C 191 -12.81 7.45 16.72
C PRO C 191 -13.98 7.76 17.63
N LYS C 192 -14.90 6.80 17.83
CA LYS C 192 -16.09 7.08 18.62
C LYS C 192 -15.74 7.47 20.05
N PHE C 193 -14.77 6.76 20.64
CA PHE C 193 -14.36 7.02 22.00
C PHE C 193 -13.29 8.10 22.09
N ASN C 194 -12.78 8.56 20.95
CA ASN C 194 -11.71 9.55 20.89
C ASN C 194 -10.48 9.04 21.65
N PHE C 195 -10.01 7.86 21.24
CA PHE C 195 -8.89 7.21 21.89
C PHE C 195 -7.71 7.13 20.92
N ASN C 196 -6.51 7.46 21.42
CA ASN C 196 -5.29 7.34 20.65
C ASN C 196 -4.26 6.59 21.47
N LYS C 197 -3.59 5.62 20.85
CA LYS C 197 -2.62 4.81 21.57
C LYS C 197 -1.45 4.50 20.65
N ARG C 198 -0.30 4.20 21.26
CA ARG C 198 0.88 3.76 20.55
C ARG C 198 1.35 2.43 21.12
N ASN C 199 2.06 1.65 20.30
CA ASN C 199 2.54 0.36 20.75
C ASN C 199 3.78 0.46 21.62
N ILE C 200 4.38 1.64 21.75
CA ILE C 200 5.52 1.85 22.62
C ILE C 200 5.00 2.38 23.94
N LEU C 201 5.10 1.55 24.98
CA LEU C 201 4.53 1.89 26.28
C LEU C 201 5.28 3.05 26.91
N PRO C 202 4.58 3.91 27.67
CA PRO C 202 5.25 5.05 28.30
C PRO C 202 6.25 4.65 29.36
N ASN C 203 6.16 3.43 29.89
CA ASN C 203 7.11 2.96 30.89
C ASN C 203 8.47 2.64 30.29
N ILE C 204 8.60 2.61 28.96
CA ILE C 204 9.83 2.21 28.29
C ILE C 204 10.67 3.45 28.00
N ASN C 205 11.93 3.42 28.41
CA ASN C 205 12.86 4.52 28.19
C ASN C 205 13.67 4.29 26.93
N SER C 206 14.23 5.39 26.40
CA SER C 206 14.96 5.32 25.14
C SER C 206 16.25 4.54 25.27
N SER C 207 16.88 4.56 26.45
CA SER C 207 18.14 3.84 26.64
C SER C 207 17.95 2.35 26.43
N TYR C 208 16.83 1.80 26.91
CA TYR C 208 16.53 0.39 26.69
C TYR C 208 16.16 0.11 25.24
N LEU C 209 15.52 1.07 24.55
CA LEU C 209 15.15 0.86 23.16
C LEU C 209 16.35 0.93 22.23
N THR C 210 17.41 1.62 22.63
CA THR C 210 18.61 1.68 21.79
C THR C 210 19.22 0.31 21.58
N HIS C 211 19.33 -0.48 22.65
CA HIS C 211 19.89 -1.84 22.60
C HIS C 211 18.83 -2.78 23.16
N CYS C 212 18.04 -3.34 22.26
CA CYS C 212 16.82 -4.06 22.60
C CYS C 212 16.59 -5.15 21.57
N VAL C 213 15.89 -6.21 21.97
CA VAL C 213 15.46 -7.24 21.04
C VAL C 213 14.23 -7.91 21.62
N PHE C 214 13.38 -8.46 20.76
CA PHE C 214 12.13 -9.05 21.20
C PHE C 214 12.36 -10.49 21.61
N SER C 215 12.02 -10.80 22.85
CA SER C 215 12.01 -12.17 23.36
C SER C 215 10.68 -12.41 24.04
N ARG C 216 10.02 -13.51 23.67
CA ARG C 216 8.68 -13.76 24.18
C ARG C 216 8.67 -13.92 25.70
N LYS C 217 9.73 -14.50 26.25
CA LYS C 217 9.81 -14.78 27.68
C LYS C 217 10.49 -13.67 28.46
N THR C 218 11.39 -12.92 27.84
CA THR C 218 12.20 -11.93 28.53
C THR C 218 11.80 -10.50 28.24
N ASP C 219 11.59 -10.14 26.98
CA ASP C 219 11.34 -8.76 26.57
C ASP C 219 10.07 -8.70 25.74
N PRO C 220 8.90 -8.83 26.38
CA PRO C 220 7.65 -8.82 25.61
C PRO C 220 7.27 -7.44 25.10
N ASP C 221 7.78 -6.37 25.70
CA ASP C 221 7.43 -5.02 25.27
C ASP C 221 8.41 -4.45 24.25
N CYS C 222 9.46 -5.18 23.89
CA CYS C 222 10.33 -4.62 22.86
C CYS C 222 9.65 -4.74 21.50
N PRO C 223 9.59 -3.68 20.72
CA PRO C 223 9.05 -3.75 19.36
C PRO C 223 10.08 -4.04 18.28
N ILE C 224 11.30 -4.39 18.66
CA ILE C 224 12.38 -4.64 17.71
C ILE C 224 12.47 -6.16 17.53
N PHE C 225 11.89 -6.66 16.45
CA PHE C 225 11.85 -8.08 16.17
C PHE C 225 13.02 -8.49 15.30
N ARG C 226 13.31 -9.79 15.31
CA ARG C 226 14.31 -10.38 14.44
C ARG C 226 13.61 -11.25 13.40
N LEU C 227 14.05 -11.14 12.15
CA LEU C 227 13.40 -11.88 11.07
C LEU C 227 13.49 -13.38 11.30
N GLY C 228 14.66 -13.86 11.72
CA GLY C 228 14.78 -15.27 12.04
C GLY C 228 13.82 -15.71 13.13
N ASP C 229 13.65 -14.87 14.16
CA ASP C 229 12.70 -15.19 15.22
C ASP C 229 11.27 -15.18 14.70
N ILE C 230 10.92 -14.22 13.85
CA ILE C 230 9.57 -14.16 13.32
C ILE C 230 9.26 -15.42 12.51
N VAL C 231 10.22 -15.88 11.71
CA VAL C 231 9.98 -17.09 10.93
C VAL C 231 9.95 -18.31 11.84
N GLY C 232 10.80 -18.36 12.87
CA GLY C 232 10.81 -19.50 13.77
C GLY C 232 9.54 -19.63 14.59
N GLU C 233 8.93 -18.50 14.96
CA GLU C 233 7.69 -18.52 15.73
C GLU C 233 6.54 -19.15 14.96
N ALA C 234 6.66 -19.29 13.64
CA ALA C 234 5.67 -19.99 12.84
C ALA C 234 6.05 -21.45 12.60
N GLU C 235 7.04 -21.97 13.32
CA GLU C 235 7.47 -23.36 13.22
C GLU C 235 8.01 -23.69 11.83
N GLU C 236 8.89 -22.83 11.33
CA GLU C 236 9.52 -23.02 10.03
C GLU C 236 11.00 -22.67 10.13
N ASP C 237 11.76 -23.13 9.15
CA ASP C 237 13.18 -22.83 9.05
C ASP C 237 13.39 -21.68 8.07
N PHE C 238 14.27 -20.75 8.43
CA PHE C 238 14.45 -19.56 7.61
C PHE C 238 15.09 -19.88 6.27
N GLN C 239 16.12 -20.73 6.27
CA GLN C 239 16.87 -20.99 5.04
C GLN C 239 16.01 -21.62 3.97
N ILE C 240 15.21 -22.62 4.35
CA ILE C 240 14.37 -23.32 3.38
C ILE C 240 13.36 -22.35 2.78
N MET C 241 12.76 -21.50 3.61
CA MET C 241 11.82 -20.51 3.10
C MET C 241 12.50 -19.51 2.18
N ALA C 242 13.70 -19.05 2.54
CA ALA C 242 14.39 -18.02 1.77
C ALA C 242 15.01 -18.56 0.48
N VAL C 243 15.15 -19.88 0.34
CA VAL C 243 15.61 -20.43 -0.93
C VAL C 243 14.68 -20.01 -2.07
N ARG C 244 13.37 -20.08 -1.83
CA ARG C 244 12.38 -19.76 -2.85
C ARG C 244 11.48 -18.61 -2.46
N GLY C 245 11.63 -18.06 -1.26
CA GLY C 245 10.77 -16.98 -0.80
C GLY C 245 9.48 -17.49 -0.19
N GLY C 246 8.71 -16.55 0.34
CA GLY C 246 7.42 -16.83 0.91
C GLY C 246 6.82 -15.56 1.45
N VAL C 247 5.62 -15.68 2.00
CA VAL C 247 4.92 -14.54 2.58
C VAL C 247 4.70 -14.80 4.06
N MET C 248 5.06 -13.84 4.89
CA MET C 248 4.84 -13.92 6.33
C MET C 248 3.93 -12.77 6.75
N GLY C 249 3.22 -12.97 7.85
CA GLY C 249 2.29 -11.98 8.31
C GLY C 249 2.35 -11.77 9.81
N VAL C 250 2.52 -10.50 10.20
CA VAL C 250 2.59 -10.10 11.59
C VAL C 250 1.23 -9.51 11.96
N GLN C 251 0.52 -10.15 12.87
CA GLN C 251 -0.80 -9.72 13.30
C GLN C 251 -0.72 -9.09 14.68
N ILE C 252 -1.21 -7.86 14.80
CA ILE C 252 -1.20 -7.12 16.05
C ILE C 252 -2.67 -6.95 16.46
N ARG C 253 -3.01 -7.44 17.64
CA ARG C 253 -4.38 -7.40 18.13
C ARG C 253 -4.51 -6.37 19.25
N TRP C 254 -5.42 -5.42 19.06
CA TRP C 254 -5.70 -4.36 20.02
C TRP C 254 -7.12 -4.60 20.55
N ASP C 255 -7.25 -5.49 21.53
CA ASP C 255 -8.53 -5.75 22.18
C ASP C 255 -8.47 -5.08 23.54
N CYS C 256 -9.01 -3.87 23.61
CA CYS C 256 -8.90 -3.02 24.79
C CYS C 256 -10.27 -2.70 25.34
N ASP C 257 -10.42 -2.88 26.66
CA ASP C 257 -11.65 -2.54 27.36
C ASP C 257 -11.45 -1.17 28.01
N LEU C 258 -12.14 -0.16 27.48
CA LEU C 258 -11.92 1.20 27.95
C LEU C 258 -12.55 1.46 29.31
N ASP C 259 -13.46 0.59 29.76
CA ASP C 259 -13.96 0.68 31.13
C ASP C 259 -12.84 0.43 32.14
N MET C 260 -11.98 -0.54 31.85
CA MET C 260 -10.79 -0.77 32.66
C MET C 260 -9.80 0.37 32.45
N PRO C 261 -8.85 0.54 33.37
CA PRO C 261 -7.87 1.62 33.21
C PRO C 261 -7.12 1.54 31.88
N GLN C 262 -6.54 2.67 31.49
CA GLN C 262 -5.89 2.77 30.18
C GLN C 262 -4.67 1.85 30.08
N SER C 263 -3.95 1.66 31.18
CA SER C 263 -2.72 0.86 31.13
C SER C 263 -2.97 -0.59 30.78
N TRP C 264 -4.21 -1.05 30.87
CA TRP C 264 -4.54 -2.43 30.51
C TRP C 264 -4.67 -2.61 29.00
N CYS C 265 -4.57 -1.54 28.22
CA CYS C 265 -4.67 -1.59 26.76
C CYS C 265 -3.29 -1.89 26.21
N VAL C 266 -3.05 -3.13 25.81
CA VAL C 266 -1.77 -3.54 25.23
C VAL C 266 -2.02 -4.36 23.96
N PRO C 267 -1.09 -4.37 23.01
CA PRO C 267 -1.25 -5.20 21.81
C PRO C 267 -0.67 -6.60 21.98
N ARG C 268 -1.19 -7.51 21.16
CA ARG C 268 -0.76 -8.91 21.15
C ARG C 268 -0.23 -9.27 19.77
N TYR C 269 0.98 -9.83 19.72
CA TYR C 269 1.66 -10.11 18.47
C TYR C 269 1.57 -11.59 18.13
N THR C 270 1.19 -11.90 16.89
CA THR C 270 1.14 -13.27 16.38
C THR C 270 1.79 -13.27 15.01
N PHE C 271 2.36 -14.42 14.62
CA PHE C 271 3.04 -14.53 13.34
C PHE C 271 2.52 -15.74 12.60
N ARG C 272 2.19 -15.56 11.32
CA ARG C 272 1.57 -16.65 10.56
C ARG C 272 2.07 -16.64 9.13
N ARG C 273 2.34 -17.82 8.60
CA ARG C 273 2.63 -17.92 7.17
C ARG C 273 1.35 -17.72 6.37
N LEU C 274 1.48 -17.12 5.19
CA LEU C 274 0.33 -16.75 4.40
C LEU C 274 0.30 -17.39 3.02
N ASP C 275 1.30 -18.16 2.63
CA ASP C 275 1.32 -18.81 1.33
C ASP C 275 1.30 -20.32 1.47
N ASN C 276 0.69 -20.97 0.49
CA ASN C 276 0.56 -22.42 0.51
C ASN C 276 1.91 -23.09 0.31
N LYS C 277 2.10 -24.23 0.97
CA LYS C 277 3.32 -25.02 0.81
C LYS C 277 3.09 -26.31 0.05
N ASP C 278 1.85 -26.75 -0.11
CA ASP C 278 1.58 -27.99 -0.83
C ASP C 278 1.90 -27.80 -2.31
N PRO C 279 2.78 -28.61 -2.89
CA PRO C 279 3.14 -28.44 -4.30
C PRO C 279 2.09 -28.96 -5.27
N ASP C 280 0.99 -29.52 -4.78
CA ASP C 280 -0.03 -30.10 -5.64
C ASP C 280 -1.21 -29.18 -5.89
N ASN C 281 -1.48 -28.25 -4.98
CA ASN C 281 -2.66 -27.39 -5.08
C ASN C 281 -2.35 -25.97 -5.55
N ASN C 282 -1.25 -25.38 -5.10
CA ASN C 282 -0.96 -24.01 -5.45
C ASN C 282 -0.22 -23.93 -6.79
N VAL C 283 -0.13 -22.72 -7.32
CA VAL C 283 0.59 -22.43 -8.55
C VAL C 283 1.62 -21.33 -8.24
N ALA C 284 2.81 -21.45 -8.83
CA ALA C 284 3.92 -20.52 -8.59
C ALA C 284 4.27 -20.49 -7.11
N PRO C 285 4.89 -21.54 -6.59
CA PRO C 285 5.22 -21.58 -5.16
C PRO C 285 6.21 -20.49 -4.77
N GLY C 286 6.14 -20.08 -3.51
CA GLY C 286 7.04 -19.06 -3.02
C GLY C 286 6.60 -17.67 -3.46
N TYR C 287 7.51 -16.72 -3.32
CA TYR C 287 7.25 -15.33 -3.68
C TYR C 287 8.47 -14.76 -4.38
N ASN C 288 8.35 -14.47 -5.67
CA ASN C 288 9.42 -13.89 -6.45
C ASN C 288 8.85 -12.91 -7.45
N PHE C 289 9.69 -11.97 -7.89
CA PHE C 289 9.30 -11.04 -8.94
C PHE C 289 10.54 -10.53 -9.65
N ARG C 290 10.32 -9.95 -10.84
CA ARG C 290 11.42 -9.48 -11.67
C ARG C 290 11.43 -7.96 -11.74
N PHE C 291 12.64 -7.39 -11.72
CA PHE C 291 12.84 -5.96 -11.92
C PHE C 291 14.10 -5.76 -12.76
N ALA C 292 14.40 -4.52 -13.09
CA ALA C 292 15.44 -4.26 -14.07
C ALA C 292 16.18 -2.97 -13.75
N LYS C 293 17.42 -2.91 -14.24
CA LYS C 293 18.23 -1.70 -14.23
C LYS C 293 18.57 -1.31 -15.66
N TYR C 294 18.48 -0.02 -15.96
CA TYR C 294 18.70 0.48 -17.32
C TYR C 294 19.96 1.33 -17.34
N TYR C 295 20.78 1.14 -18.37
CA TYR C 295 22.01 1.88 -18.56
C TYR C 295 22.09 2.38 -19.99
N LYS C 296 22.78 3.50 -20.17
CA LYS C 296 23.00 4.09 -21.48
C LYS C 296 24.50 4.15 -21.75
N ASN C 297 24.93 3.60 -22.89
CA ASN C 297 26.33 3.59 -23.26
C ASN C 297 26.71 4.92 -23.93
N SER C 298 27.99 5.04 -24.28
CA SER C 298 28.48 6.26 -24.90
C SER C 298 27.83 6.52 -26.25
N ASP C 299 27.67 5.47 -27.06
CA ASP C 299 27.05 5.60 -28.38
C ASP C 299 25.54 5.80 -28.29
N GLY C 300 24.95 5.68 -27.10
CA GLY C 300 23.54 5.95 -26.92
C GLY C 300 22.66 4.72 -26.84
N THR C 301 23.20 3.54 -27.13
CA THR C 301 22.39 2.32 -27.04
C THR C 301 22.03 2.03 -25.59
N GLU C 302 20.88 1.39 -25.41
CA GLU C 302 20.35 1.10 -24.08
C GLU C 302 20.56 -0.37 -23.73
N THR C 303 21.05 -0.61 -22.52
CA THR C 303 21.28 -1.95 -22.01
C THR C 303 20.48 -2.14 -20.73
N ARG C 304 20.10 -3.39 -20.47
CA ARG C 304 19.28 -3.73 -19.31
C ARG C 304 19.91 -4.87 -18.54
N THR C 305 19.80 -4.81 -17.21
CA THR C 305 20.19 -5.90 -16.32
C THR C 305 18.94 -6.34 -15.57
N LEU C 306 18.51 -7.57 -15.83
CA LEU C 306 17.26 -8.08 -15.29
C LEU C 306 17.55 -8.98 -14.10
N ILE C 307 16.93 -8.68 -12.96
CA ILE C 307 17.10 -9.45 -11.74
C ILE C 307 15.75 -10.06 -11.38
N LYS C 308 15.70 -11.39 -11.29
CA LYS C 308 14.56 -12.09 -10.72
C LYS C 308 14.89 -12.39 -9.26
N GLY C 309 14.15 -11.76 -8.35
CA GLY C 309 14.43 -11.82 -6.93
C GLY C 309 13.41 -12.67 -6.20
N TYR C 310 13.92 -13.56 -5.35
CA TYR C 310 13.14 -14.36 -4.43
C TYR C 310 13.36 -13.81 -3.03
N GLY C 311 12.27 -13.50 -2.33
CA GLY C 311 12.41 -12.98 -0.98
C GLY C 311 11.15 -13.22 -0.17
N ILE C 312 11.25 -12.89 1.10
CA ILE C 312 10.18 -13.09 2.07
C ILE C 312 9.50 -11.74 2.29
N ARG C 313 8.20 -11.69 2.04
CA ARG C 313 7.43 -10.46 2.17
C ARG C 313 6.66 -10.49 3.49
N PHE C 314 6.89 -9.50 4.34
CA PHE C 314 6.24 -9.41 5.64
C PHE C 314 5.11 -8.40 5.55
N ASP C 315 3.90 -8.82 5.92
CA ASP C 315 2.73 -7.96 5.96
C ASP C 315 2.32 -7.73 7.40
N VAL C 316 2.12 -6.46 7.76
CA VAL C 316 1.65 -6.09 9.09
C VAL C 316 0.14 -5.93 9.03
N MET C 317 -0.57 -6.76 9.80
CA MET C 317 -2.03 -6.78 9.81
C MET C 317 -2.51 -6.41 11.21
N VAL C 318 -3.10 -5.23 11.34
CA VAL C 318 -3.54 -4.68 12.61
C VAL C 318 -5.05 -4.77 12.68
N PHE C 319 -5.57 -5.34 13.76
CA PHE C 319 -7.01 -5.43 13.95
C PHE C 319 -7.33 -5.34 15.44
N GLY C 320 -8.56 -4.96 15.74
CA GLY C 320 -8.98 -4.86 17.11
C GLY C 320 -10.40 -4.34 17.23
N GLN C 321 -10.85 -4.24 18.47
CA GLN C 321 -12.18 -3.76 18.79
C GLN C 321 -12.18 -3.31 20.25
N ALA C 322 -12.80 -2.17 20.52
CA ALA C 322 -12.84 -1.61 21.86
C ALA C 322 -14.28 -1.39 22.28
N GLY C 323 -14.52 -1.47 23.59
CA GLY C 323 -15.85 -1.31 24.12
C GLY C 323 -15.87 -0.39 25.33
N LYS C 324 -16.97 0.33 25.46
CA LYS C 324 -17.16 1.22 26.61
C LYS C 324 -18.58 1.11 27.11
N PHE C 325 -18.76 1.42 28.40
CA PHE C 325 -20.05 1.25 29.05
C PHE C 325 -21.12 2.11 28.40
N ASN C 326 -22.34 1.59 28.38
CA ASN C 326 -23.47 2.34 27.86
C ASN C 326 -24.72 1.98 28.65
N ILE C 327 -25.71 2.85 28.59
CA ILE C 327 -26.95 2.69 29.36
C ILE C 327 -28.03 1.99 28.55
N ILE C 328 -28.26 2.46 27.32
CA ILE C 328 -29.36 1.90 26.51
C ILE C 328 -29.16 0.42 26.23
N PRO C 329 -28.00 -0.05 25.75
CA PRO C 329 -27.84 -1.50 25.55
C PRO C 329 -28.03 -2.31 26.82
N THR C 330 -27.59 -1.77 27.96
CA THR C 330 -27.78 -2.46 29.23
C THR C 330 -29.26 -2.65 29.54
N LEU C 331 -30.06 -1.58 29.37
CA LEU C 331 -31.48 -1.68 29.64
C LEU C 331 -32.18 -2.65 28.69
N LEU C 332 -31.80 -2.62 27.41
CA LEU C 332 -32.40 -3.56 26.46
C LEU C 332 -32.07 -5.00 26.81
N ASN C 333 -30.82 -5.26 27.20
CA ASN C 333 -30.44 -6.62 27.59
C ASN C 333 -31.16 -7.05 28.86
N ILE C 334 -31.32 -6.14 29.83
CA ILE C 334 -32.05 -6.47 31.05
C ILE C 334 -33.50 -6.80 30.72
N GLY C 335 -34.12 -6.04 29.82
CA GLY C 335 -35.48 -6.35 29.42
C GLY C 335 -35.60 -7.69 28.73
N ALA C 336 -34.66 -7.99 27.82
CA ALA C 336 -34.71 -9.28 27.14
C ALA C 336 -34.48 -10.43 28.12
N GLY C 337 -33.59 -10.24 29.09
CA GLY C 337 -33.40 -11.25 30.10
C GLY C 337 -34.64 -11.47 30.95
N LEU C 338 -35.35 -10.39 31.27
CA LEU C 338 -36.60 -10.55 32.02
C LEU C 338 -37.67 -11.26 31.19
N ALA C 339 -37.71 -10.98 29.89
CA ALA C 339 -38.64 -11.71 29.02
C ALA C 339 -38.28 -13.19 28.97
N LEU C 340 -37.00 -13.51 28.90
CA LEU C 340 -36.57 -14.91 28.95
C LEU C 340 -36.93 -15.55 30.28
N LEU C 341 -36.81 -14.79 31.36
CA LEU C 341 -37.24 -15.29 32.68
C LEU C 341 -38.72 -15.60 32.68
N GLY C 342 -39.53 -14.72 32.11
CA GLY C 342 -40.96 -15.00 32.00
C GLY C 342 -41.23 -16.25 31.18
N LEU C 343 -40.51 -16.42 30.08
CA LEU C 343 -40.67 -17.61 29.23
C LEU C 343 -40.33 -18.87 30.01
N VAL C 344 -39.21 -18.87 30.74
CA VAL C 344 -38.81 -20.07 31.45
C VAL C 344 -39.76 -20.35 32.62
N ASN C 345 -40.30 -19.30 33.25
CA ASN C 345 -41.30 -19.50 34.29
C ASN C 345 -42.56 -20.13 33.71
N VAL C 346 -43.00 -19.65 32.54
CA VAL C 346 -44.17 -20.24 31.89
C VAL C 346 -43.90 -21.71 31.54
N ILE C 347 -42.72 -22.00 31.03
CA ILE C 347 -42.37 -23.37 30.66
C ILE C 347 -42.38 -24.28 31.90
N CYS C 348 -41.78 -23.81 32.99
CA CYS C 348 -41.77 -24.61 34.22
C CYS C 348 -43.17 -24.79 34.79
N ASP C 349 -44.05 -23.79 34.60
CA ASP C 349 -45.43 -23.95 35.06
C ASP C 349 -46.13 -25.10 34.36
N TRP C 350 -45.91 -25.24 33.06
CA TRP C 350 -46.51 -26.32 32.28
C TRP C 350 -45.82 -27.65 32.57
C10 P73 D . 15.21 11.64 -6.67
C12 P73 D . 13.40 9.89 -7.07
C13 P73 D . 14.00 8.76 -6.53
C15 P73 D . 12.67 7.37 -7.79
C01 P73 D . 21.90 13.88 -7.32
C02 P73 D . 21.13 14.49 -6.15
C03 P73 D . 21.29 16.01 -6.13
C04 P73 D . 19.65 14.10 -6.20
C05 P73 D . 18.95 14.18 -7.39
C06 P73 D . 17.60 13.82 -7.42
C08 P73 D . 16.98 13.37 -6.27
C16 P73 D . 12.02 8.45 -8.37
C17 P73 D . 12.40 9.74 -8.00
C19 P73 D . 17.69 13.30 -5.09
C21 P73 D . 19.02 13.66 -5.04
N09 P73 D . 15.58 12.98 -6.26
N11 P73 D . 13.81 11.22 -6.65
N14 P73 D . 13.63 7.55 -6.90
O18 P73 D . 16.05 10.89 -7.02
BR1 P73 D . 16.63 13.93 -9.09
BR2 P73 D . 16.79 12.68 -3.50
C1 NAG E . -19.35 27.40 -11.07
C2 NAG E . -20.41 28.40 -11.53
C3 NAG E . -20.28 29.70 -10.74
C4 NAG E . -20.32 29.42 -9.24
C5 NAG E . -19.27 28.37 -8.87
C6 NAG E . -19.34 27.95 -7.42
C7 NAG E . -21.29 28.41 -13.81
C8 NAG E . -21.01 28.73 -15.24
N2 NAG E . -20.29 28.65 -12.95
O3 NAG E . -21.35 30.57 -11.09
O4 NAG E . -20.06 30.62 -8.52
O5 NAG E . -19.46 27.18 -9.66
O6 NAG E . -20.09 28.87 -6.65
O7 NAG E . -22.37 27.96 -13.45
C1 NAG F . 5.00 30.15 0.09
C2 NAG F . 6.40 30.66 0.37
C3 NAG F . 6.35 31.98 1.14
C4 NAG F . 5.48 32.99 0.40
C5 NAG F . 4.11 32.39 0.13
C6 NAG F . 3.23 33.29 -0.70
C7 NAG F . 8.49 29.55 1.01
C8 NAG F . 9.12 28.46 1.84
N2 NAG F . 7.16 29.66 1.11
O3 NAG F . 7.67 32.50 1.27
O4 NAG F . 5.34 34.17 1.17
O5 NAG F . 4.26 31.17 -0.61
O6 NAG F . 3.69 33.35 -2.05
O7 NAG F . 9.16 30.27 0.28
C1 NAG G . 21.80 31.46 -6.15
C2 NAG G . 21.12 32.70 -6.70
C3 NAG G . 22.09 33.52 -7.53
C4 NAG G . 23.36 33.82 -6.74
C5 NAG G . 23.95 32.53 -6.17
C6 NAG G . 25.14 32.78 -5.27
C7 NAG G . 18.70 32.33 -6.99
C8 NAG G . 17.61 31.94 -7.94
N2 NAG G . 19.95 32.35 -7.49
O3 NAG G . 21.47 34.72 -7.95
O4 NAG G . 24.31 34.46 -7.57
O5 NAG G . 22.97 31.83 -5.40
O6 NAG G . 24.98 32.11 -4.02
O7 NAG G . 18.47 32.61 -5.81
C10 P73 H . 9.95 1.64 -17.60
C12 P73 H . 9.85 0.96 -15.15
C13 P73 H . 10.01 2.18 -14.51
C15 P73 H . 10.76 1.18 -12.60
C01 P73 H . 13.21 4.93 -22.96
C02 P73 H . 11.69 4.77 -23.13
C03 P73 H . 11.35 4.22 -24.51
C04 P73 H . 11.11 3.89 -22.02
C05 P73 H . 11.72 2.70 -21.68
C06 P73 H . 11.18 1.91 -20.67
C08 P73 H . 10.03 2.31 -20.01
C16 P73 H . 10.64 -0.08 -13.16
C17 P73 H . 10.17 -0.20 -14.46
C19 P73 H . 9.43 3.50 -20.37
C21 P73 H . 9.96 4.29 -21.36
N09 P73 H . 9.44 1.52 -18.95
N11 P73 H . 9.36 0.87 -16.51
N14 P73 H . 10.45 2.27 -13.28
O18 P73 H . 10.85 2.38 -17.38
BR1 P73 H . 12.05 0.25 -20.20
BR2 P73 H . 7.83 4.04 -19.43
C1 NAG I . -7.54 -32.01 -12.81
C2 NAG I . -7.95 -33.46 -13.10
C3 NAG I . -8.88 -33.52 -14.30
C4 NAG I . -10.07 -32.59 -14.11
C5 NAG I . -9.59 -31.17 -13.77
C6 NAG I . -10.71 -30.22 -13.44
C7 NAG I . -6.49 -35.35 -12.55
C8 NAG I . -5.25 -36.11 -12.92
N2 NAG I . -6.78 -34.29 -13.31
O3 NAG I . -9.34 -34.86 -14.47
O4 NAG I . -10.86 -32.54 -15.29
O5 NAG I . -8.72 -31.22 -12.63
O6 NAG I . -11.96 -30.74 -13.86
O7 NAG I . -7.20 -35.70 -11.62
C1 NAG J . -5.55 -10.09 -28.31
C2 NAG J . -5.22 -9.18 -29.49
C3 NAG J . -6.22 -9.39 -30.61
C4 NAG J . -6.30 -10.86 -30.99
C5 NAG J . -6.60 -11.70 -29.75
C6 NAG J . -6.58 -13.18 -30.03
C7 NAG J . -4.43 -6.87 -29.65
C8 NAG J . -4.54 -5.48 -29.09
N2 NAG J . -5.20 -7.79 -29.06
O3 NAG J . -5.82 -8.63 -31.75
O4 NAG J . -7.33 -11.07 -31.95
O5 NAG J . -5.60 -11.46 -28.75
O6 NAG J . -5.26 -13.65 -30.26
O7 NAG J . -3.70 -7.14 -30.59
C1 NAG K . 7.56 -2.44 -37.93
C2 NAG K . 7.36 -3.80 -38.61
C3 NAG K . 8.32 -3.94 -39.79
C4 NAG K . 8.19 -2.76 -40.73
C5 NAG K . 8.36 -1.45 -39.98
C6 NAG K . 8.12 -0.23 -40.84
C7 NAG K . 6.51 -5.46 -37.03
C8 NAG K . 6.87 -6.58 -36.09
N2 NAG K . 7.52 -4.88 -37.67
O3 NAG K . 8.04 -5.15 -40.48
O4 NAG K . 9.19 -2.83 -41.75
O5 NAG K . 7.41 -1.38 -38.90
O6 NAG K . 7.18 0.66 -40.24
O7 NAG K . 5.35 -5.10 -37.19
C10 P73 L . 19.07 -3.57 -5.91
C12 P73 L . 17.17 -1.97 -5.37
C13 P73 L . 16.38 -2.07 -6.51
C15 P73 L . 15.43 -0.02 -6.14
C01 P73 L . 24.26 -5.79 -10.19
C02 P73 L . 23.69 -6.86 -9.26
C03 P73 L . 24.80 -7.61 -8.55
C04 P73 L . 22.71 -6.25 -8.26
C05 P73 L . 23.05 -5.10 -7.58
C06 P73 L . 22.16 -4.55 -6.66
C08 P73 L . 20.94 -5.16 -6.44
C16 P73 L . 16.17 0.15 -4.98
C17 P73 L . 17.05 -0.84 -4.57
C19 P73 L . 20.61 -6.31 -7.12
C21 P73 L . 21.49 -6.86 -8.02
N09 P73 L . 19.97 -4.62 -5.49
N11 P73 L . 18.08 -3.04 -4.98
N14 P73 L . 15.55 -1.10 -6.86
O18 P73 L . 19.13 -3.15 -7.02
BR1 P73 L . 22.64 -2.92 -5.71
BR2 P73 L . 18.90 -7.15 -6.78
C1 NAG M . 15.33 2.12 31.72
C2 NAG M . 15.74 2.33 33.17
C3 NAG M . 16.29 1.04 33.76
C4 NAG M . 15.29 -0.10 33.57
C5 NAG M . 14.89 -0.21 32.10
C6 NAG M . 13.81 -1.24 31.88
C7 NAG M . 16.50 4.51 34.01
C8 NAG M . 17.62 5.51 34.00
N2 NAG M . 16.71 3.41 33.28
O3 NAG M . 16.57 1.23 35.15
O4 NAG M . 15.89 -1.33 33.99
O5 NAG M . 14.38 1.05 31.64
O6 NAG M . 13.67 -2.11 32.98
O7 NAG M . 15.46 4.69 34.64
C1 NAG N . 23.40 -15.03 12.61
C2 NAG N . 24.31 -15.87 11.71
C3 NAG N . 24.80 -17.09 12.45
C4 NAG N . 25.45 -16.70 13.77
C5 NAG N . 24.50 -15.84 14.58
C6 NAG N . 25.14 -15.31 15.85
C7 NAG N . 24.21 -16.46 9.34
C8 NAG N . 23.34 -16.85 8.18
N2 NAG N . 23.59 -16.25 10.50
O3 NAG N . 25.74 -17.80 11.64
O4 NAG N . 25.81 -17.87 14.51
O5 NAG N . 24.11 -14.69 13.81
O6 NAG N . 26.09 -14.30 15.56
O7 NAG N . 25.43 -16.34 9.21
C1 NAG O . 35.84 -14.72 -0.37
C2 NAG O . 36.66 -14.62 0.91
C3 NAG O . 38.13 -14.54 0.59
C4 NAG O . 38.56 -15.70 -0.32
C5 NAG O . 37.65 -15.75 -1.56
C6 NAG O . 37.93 -16.93 -2.43
C7 NAG O . 35.36 -13.59 2.72
C8 NAG O . 35.05 -12.31 3.45
N2 NAG O . 36.24 -13.49 1.72
O3 NAG O . 38.89 -14.58 1.80
O4 NAG O . 39.90 -15.53 -0.73
O5 NAG O . 36.28 -15.84 -1.15
O6 NAG O . 36.75 -17.67 -2.72
O7 NAG O . 34.83 -14.65 3.03
#